data_2FPI
#
_entry.id   2FPI
#
_cell.length_a   135.790
_cell.length_b   135.790
_cell.length_c   77.150
_cell.angle_alpha   90.00
_cell.angle_beta   90.00
_cell.angle_gamma   120.00
#
_symmetry.space_group_name_H-M   'P 65'
#
loop_
_entity.id
_entity.type
_entity.pdbx_description
1 polymer 'Succinyl-CoA ligase [GDP-forming] alpha-chain, mitochondrial'
2 polymer 'Succinyl-CoA ligase [GDP-forming] beta-chain, mitochondrial'
3 non-polymer 'SULFATE ION'
4 water water
#
loop_
_entity_poly.entity_id
_entity_poly.type
_entity_poly.pdbx_seq_one_letter_code
_entity_poly.pdbx_strand_id
1 'polypeptide(L)'
;SYTASRKHLYVDKNTKVICQGFTGKQGTFHSQQALEYGTNLVGGTTPGKGGKTHLGLPVFNTVKEAKEQTGATASVIYVP
PPFAAAAINEAIDAEVPLVVCITEGIPQQDMVRVKHRLLRQGKTRLIGPNCPGVINPGECKIGIMPGHIHKKGRIGIVSR
SGTLTYEAVHQTTQVGLGQSLCVGIGGDPFNGTDFTDCLEIFLNDPATEGIILIGEIGGNAEENAAEFLKQHNSGPKSKP
VVSFIAGLTAPPGRRMG(NEP)AGAIIAGGKGGAKEKITALQSAGVVVSMSPAQLGTTIYKEFEKRKML
;
A
2 'polypeptide(L)'
;MNLQEYQSKKLMSDNGVKVQRFFVADTANEALEAAKRLNAKEIVLKAQILAGGRGKGVFSSGLKGGVHLTKDPEVVGQLA
KQMIGYNLATKQTPKEGVKVNKVMVAEALDISRETYLAILMDRSCNGPVLVGSPQGGVDIEEVAASNPELIFKEQIDIIE
GIKDSQAQRMAENLGFLGPLQNQAADQIKKLYNLFLKIDATQVEVNPFGETPEGQVVCFDAKINFDDNAEFRQKDIFAMD
DKSENEPIENEAAKYDLKYIGLDGNIACFVNGAGLAMATCDIIFLNGGKPANFLDLGGGVKESQVYQAFKLLTADPKVEA
ILVNIFGGIVNCAIIANGITKACRELELKVPLVVRLEGTNVHEAQNILTNSGLPITSAVDLEDAAKKAVASVTKK
;
B
#
loop_
_chem_comp.id
_chem_comp.type
_chem_comp.name
_chem_comp.formula
SO4 non-polymer 'SULFATE ION' 'O4 S -2'
#
# COMPACT_ATOMS: atom_id res chain seq x y z
N SER A 1 -27.37 -1.77 -9.87
CA SER A 1 -25.92 -2.11 -10.08
C SER A 1 -25.10 -1.13 -9.28
N TYR A 2 -23.80 -1.42 -9.15
CA TYR A 2 -22.96 -0.50 -8.40
C TYR A 2 -22.60 0.62 -9.37
N THR A 3 -22.38 0.22 -10.61
CA THR A 3 -22.02 1.13 -11.69
C THR A 3 -22.96 2.34 -11.61
N ALA A 4 -24.24 2.02 -11.50
CA ALA A 4 -25.30 3.04 -11.43
C ALA A 4 -25.27 4.06 -10.30
N SER A 5 -24.30 3.99 -9.39
CA SER A 5 -24.21 4.93 -8.29
C SER A 5 -23.03 5.86 -8.51
N ARG A 6 -22.31 5.70 -9.62
CA ARG A 6 -21.21 6.60 -9.90
C ARG A 6 -21.64 8.06 -9.78
N LYS A 7 -22.83 8.34 -10.28
CA LYS A 7 -23.33 9.69 -10.25
C LYS A 7 -23.28 10.35 -8.89
N HIS A 8 -23.38 9.58 -7.80
CA HIS A 8 -23.33 10.21 -6.48
C HIS A 8 -21.97 10.89 -6.14
N LEU A 9 -20.93 10.57 -6.90
CA LEU A 9 -19.61 11.16 -6.66
C LEU A 9 -19.60 12.67 -6.87
N TYR A 10 -20.45 13.18 -7.76
CA TYR A 10 -20.47 14.62 -8.03
C TYR A 10 -21.14 15.47 -6.96
N VAL A 11 -20.53 15.55 -5.77
CA VAL A 11 -21.14 16.33 -4.68
C VAL A 11 -21.23 17.81 -5.11
N ASP A 12 -22.10 18.58 -4.46
CA ASP A 12 -22.25 20.00 -4.81
C ASP A 12 -22.87 20.78 -3.66
N LYS A 13 -23.05 22.08 -3.86
CA LYS A 13 -23.63 22.96 -2.83
C LYS A 13 -24.98 22.47 -2.32
N ASN A 14 -25.63 21.56 -3.03
CA ASN A 14 -26.89 21.04 -2.54
C ASN A 14 -26.77 19.86 -1.58
N THR A 15 -25.62 19.22 -1.57
CA THR A 15 -25.38 18.06 -0.75
C THR A 15 -25.21 18.30 0.73
N LYS A 16 -25.98 17.55 1.54
CA LYS A 16 -25.91 17.66 3.00
C LYS A 16 -25.19 16.43 3.58
N VAL A 17 -24.22 16.73 4.42
CA VAL A 17 -23.31 15.78 5.04
C VAL A 17 -23.43 15.56 6.55
N ILE A 18 -23.28 14.29 6.95
CA ILE A 18 -23.22 13.91 8.35
C ILE A 18 -21.90 13.16 8.55
N CYS A 19 -21.21 13.44 9.65
CA CYS A 19 -19.91 12.85 9.94
C CYS A 19 -20.00 11.74 10.99
N GLN A 20 -19.82 10.50 10.54
CA GLN A 20 -19.87 9.31 11.42
C GLN A 20 -18.59 9.39 12.21
N GLY A 21 -18.68 9.56 13.51
CA GLY A 21 -17.47 9.66 14.29
C GLY A 21 -17.24 11.12 14.58
N PHE A 22 -18.33 11.82 14.90
CA PHE A 22 -18.39 13.24 15.20
C PHE A 22 -17.63 13.85 16.40
N THR A 23 -17.74 13.22 17.57
CA THR A 23 -17.05 13.78 18.72
C THR A 23 -15.58 13.36 18.79
N GLY A 24 -15.18 12.43 17.93
CA GLY A 24 -13.80 11.99 17.93
C GLY A 24 -12.82 13.12 17.67
N LYS A 25 -11.62 13.04 18.24
CA LYS A 25 -10.61 14.06 18.06
C LYS A 25 -10.39 14.43 16.58
N GLN A 26 -10.83 13.56 15.66
CA GLN A 26 -10.70 13.82 14.21
C GLN A 26 -11.96 14.42 13.63
N GLY A 27 -13.09 13.76 13.81
CA GLY A 27 -14.33 14.33 13.29
C GLY A 27 -14.57 15.73 13.84
N THR A 28 -13.89 16.06 14.91
CA THR A 28 -14.01 17.37 15.49
C THR A 28 -13.35 18.36 14.57
N PHE A 29 -12.03 18.29 14.49
CA PHE A 29 -11.27 19.18 13.64
C PHE A 29 -11.77 19.42 12.20
N HIS A 30 -12.17 18.36 11.53
CA HIS A 30 -12.64 18.48 10.16
C HIS A 30 -14.02 19.03 10.00
N SER A 31 -14.84 18.92 11.02
CA SER A 31 -16.18 19.48 10.93
C SER A 31 -16.13 21.02 11.07
N GLN A 32 -15.22 21.51 11.91
CA GLN A 32 -15.06 22.96 12.07
C GLN A 32 -14.51 23.50 10.74
N GLN A 33 -13.65 22.71 10.10
CA GLN A 33 -13.05 23.09 8.83
C GLN A 33 -14.01 22.91 7.67
N ALA A 34 -14.92 21.96 7.76
CA ALA A 34 -15.88 21.75 6.69
C ALA A 34 -16.90 22.86 6.67
N LEU A 35 -17.33 23.30 7.86
CA LEU A 35 -18.34 24.37 7.96
C LEU A 35 -17.75 25.71 7.52
N GLU A 36 -16.52 25.98 7.94
CA GLU A 36 -15.83 27.19 7.58
C GLU A 36 -15.79 27.29 6.05
N TYR A 37 -15.25 26.26 5.39
CA TYR A 37 -15.15 26.23 3.93
C TYR A 37 -16.48 26.60 3.34
N GLY A 38 -17.53 26.00 3.89
CA GLY A 38 -18.86 26.30 3.41
C GLY A 38 -19.64 25.09 3.01
N THR A 39 -19.49 24.00 3.76
CA THR A 39 -20.16 22.73 3.43
C THR A 39 -21.42 22.43 4.24
N ASN A 40 -22.38 21.75 3.61
CA ASN A 40 -23.63 21.46 4.28
C ASN A 40 -23.62 20.41 5.39
N LEU A 41 -22.66 20.54 6.31
CA LEU A 41 -22.54 19.62 7.45
C LEU A 41 -23.71 19.79 8.45
N VAL A 42 -24.64 18.86 8.44
CA VAL A 42 -25.78 18.93 9.34
C VAL A 42 -25.57 18.35 10.78
N GLY A 43 -24.72 17.32 10.92
CA GLY A 43 -24.48 16.76 12.24
C GLY A 43 -23.43 15.67 12.45
N GLY A 44 -23.86 14.48 12.84
CA GLY A 44 -22.89 13.43 13.03
C GLY A 44 -23.27 12.38 14.04
N THR A 45 -22.90 11.12 13.76
CA THR A 45 -23.19 10.02 14.67
C THR A 45 -22.02 9.79 15.62
N THR A 46 -22.29 9.09 16.72
CA THR A 46 -21.31 8.79 17.75
C THR A 46 -22.13 8.10 18.83
N PRO A 47 -22.23 6.75 18.78
CA PRO A 47 -23.02 5.98 19.76
C PRO A 47 -22.74 6.32 21.21
N GLY A 48 -23.80 6.47 21.98
CA GLY A 48 -23.65 6.85 23.37
C GLY A 48 -24.18 8.26 23.59
N LYS A 49 -23.55 9.23 22.92
CA LYS A 49 -23.94 10.63 23.03
C LYS A 49 -25.08 10.98 22.07
N GLY A 50 -25.59 9.95 21.38
CA GLY A 50 -26.65 10.11 20.40
C GLY A 50 -27.93 10.89 20.68
N GLY A 51 -27.79 12.16 21.07
CA GLY A 51 -28.95 12.99 21.33
C GLY A 51 -28.58 14.43 21.70
N LYS A 52 -27.28 14.66 21.93
CA LYS A 52 -26.73 15.96 22.30
C LYS A 52 -26.45 16.85 21.07
N THR A 53 -25.61 17.85 21.30
CA THR A 53 -25.20 18.80 20.27
C THR A 53 -23.71 19.04 20.29
N HIS A 54 -23.07 18.91 19.13
CA HIS A 54 -21.63 19.11 19.02
C HIS A 54 -21.38 20.22 17.98
N LEU A 55 -20.57 21.22 18.38
CA LEU A 55 -20.20 22.36 17.52
C LEU A 55 -21.37 23.24 17.02
N GLY A 56 -22.37 23.47 17.87
CA GLY A 56 -23.53 24.25 17.45
C GLY A 56 -24.21 23.38 16.40
N LEU A 57 -24.42 22.09 16.70
CA LEU A 57 -25.02 21.14 15.76
C LEU A 57 -25.43 19.80 16.38
N PRO A 58 -26.58 19.22 15.93
CA PRO A 58 -27.16 17.95 16.39
C PRO A 58 -26.28 16.68 16.33
N VAL A 59 -26.51 15.74 17.26
CA VAL A 59 -25.78 14.45 17.38
C VAL A 59 -26.76 13.26 17.50
N PHE A 60 -26.47 12.14 16.84
CA PHE A 60 -27.38 10.98 16.86
C PHE A 60 -26.62 9.69 17.28
N ASN A 61 -27.30 8.63 17.73
CA ASN A 61 -26.58 7.40 18.15
C ASN A 61 -26.25 6.55 16.96
N THR A 62 -27.01 6.73 15.88
CA THR A 62 -26.79 5.93 14.70
C THR A 62 -26.90 6.68 13.36
N VAL A 63 -26.48 6.00 12.30
CA VAL A 63 -26.52 6.54 10.96
C VAL A 63 -27.97 6.56 10.51
N LYS A 64 -28.62 5.40 10.51
CA LYS A 64 -30.02 5.28 10.13
C LYS A 64 -30.93 6.44 10.63
N GLU A 65 -30.74 6.86 11.91
CA GLU A 65 -31.50 7.94 12.55
C GLU A 65 -31.20 9.19 11.77
N ALA A 66 -30.11 9.83 12.18
CA ALA A 66 -29.59 11.06 11.60
C ALA A 66 -29.87 11.24 10.11
N LYS A 67 -30.04 10.15 9.36
CA LYS A 67 -30.34 10.29 7.94
C LYS A 67 -31.68 10.99 7.85
N GLU A 68 -32.72 10.21 8.18
CA GLU A 68 -34.11 10.67 8.18
C GLU A 68 -34.15 12.04 8.84
N GLN A 69 -34.03 12.08 10.15
CA GLN A 69 -33.99 13.33 10.90
C GLN A 69 -33.39 14.55 10.15
N THR A 70 -32.18 14.42 9.58
CA THR A 70 -31.57 15.57 8.87
C THR A 70 -31.72 15.57 7.35
N GLY A 71 -32.37 14.54 6.80
CA GLY A 71 -32.56 14.46 5.37
C GLY A 71 -31.30 14.02 4.62
N ALA A 72 -30.16 14.53 5.11
CA ALA A 72 -28.78 14.29 4.61
C ALA A 72 -28.53 13.24 3.51
N THR A 73 -27.51 13.50 2.68
CA THR A 73 -27.19 12.64 1.53
C THR A 73 -25.77 12.09 1.39
N ALA A 74 -24.91 12.40 2.34
CA ALA A 74 -23.54 11.94 2.28
C ALA A 74 -23.03 11.73 3.69
N SER A 75 -22.26 10.64 3.83
CA SER A 75 -21.68 10.25 5.09
C SER A 75 -20.16 10.15 4.96
N VAL A 76 -19.46 10.75 5.91
CA VAL A 76 -18.03 10.70 5.89
C VAL A 76 -17.62 10.04 7.21
N ILE A 77 -16.68 9.11 7.14
CA ILE A 77 -16.25 8.38 8.32
C ILE A 77 -14.85 8.65 8.78
N TYR A 78 -14.71 8.84 10.09
CA TYR A 78 -13.45 9.09 10.72
C TYR A 78 -13.23 8.06 11.84
N VAL A 79 -14.03 7.00 11.81
CA VAL A 79 -13.98 5.90 12.77
C VAL A 79 -12.67 5.10 12.72
N PRO A 80 -11.97 4.92 13.86
CA PRO A 80 -10.71 4.15 13.91
C PRO A 80 -10.77 2.83 13.15
N PRO A 81 -9.61 2.34 12.71
CA PRO A 81 -9.38 1.10 11.95
C PRO A 81 -10.22 -0.14 12.17
N PRO A 82 -10.32 -0.62 13.43
CA PRO A 82 -11.08 -1.83 13.81
C PRO A 82 -12.59 -1.83 13.59
N PHE A 83 -13.16 -0.63 13.59
CA PHE A 83 -14.60 -0.43 13.43
C PHE A 83 -15.02 0.23 12.11
N ALA A 84 -14.12 1.04 11.56
CA ALA A 84 -14.36 1.74 10.30
C ALA A 84 -15.15 1.01 9.21
N ALA A 85 -14.96 -0.28 9.05
CA ALA A 85 -15.69 -1.03 8.03
C ALA A 85 -17.11 -1.29 8.46
N ALA A 86 -17.31 -1.34 9.78
CA ALA A 86 -18.63 -1.56 10.34
C ALA A 86 -19.41 -0.32 9.90
N ALA A 87 -18.81 0.84 10.16
CA ALA A 87 -19.39 2.10 9.80
C ALA A 87 -19.75 2.10 8.30
N ILE A 88 -18.84 1.67 7.43
CA ILE A 88 -19.23 1.68 6.02
C ILE A 88 -20.55 0.92 5.93
N ASN A 89 -20.58 -0.37 6.27
CA ASN A 89 -21.83 -1.14 6.25
C ASN A 89 -23.04 -0.48 7.00
N GLU A 90 -22.80 0.30 8.03
CA GLU A 90 -23.93 0.91 8.72
C GLU A 90 -24.49 2.02 7.82
N ALA A 91 -23.64 2.48 6.90
CA ALA A 91 -24.02 3.54 5.98
C ALA A 91 -24.74 2.92 4.79
N ILE A 92 -24.21 1.80 4.27
CA ILE A 92 -24.84 1.13 3.14
C ILE A 92 -26.21 0.60 3.55
N ASP A 93 -26.40 0.31 4.85
CA ASP A 93 -27.66 -0.21 5.34
C ASP A 93 -28.76 0.79 5.17
N ALA A 94 -28.55 1.96 5.79
CA ALA A 94 -29.47 3.06 5.74
C ALA A 94 -29.45 3.68 4.33
N GLU A 95 -29.03 2.90 3.34
CA GLU A 95 -29.01 3.34 1.97
C GLU A 95 -28.56 4.80 1.70
N VAL A 96 -27.42 5.24 2.25
CA VAL A 96 -26.88 6.60 2.03
C VAL A 96 -26.34 6.71 0.60
N PRO A 97 -26.52 7.86 -0.06
CA PRO A 97 -26.05 8.01 -1.44
C PRO A 97 -24.54 7.99 -1.67
N LEU A 98 -23.84 8.74 -0.84
CA LEU A 98 -22.41 8.82 -0.98
C LEU A 98 -21.74 8.54 0.34
N VAL A 99 -20.81 7.59 0.34
CA VAL A 99 -20.07 7.30 1.56
C VAL A 99 -18.60 7.48 1.23
N VAL A 100 -17.93 8.26 2.08
CA VAL A 100 -16.52 8.62 1.98
C VAL A 100 -15.76 8.12 3.25
N CYS A 101 -14.99 7.05 3.12
CA CYS A 101 -14.27 6.54 4.26
C CYS A 101 -12.85 7.09 4.26
N ILE A 102 -12.56 7.96 5.20
CA ILE A 102 -11.25 8.54 5.28
C ILE A 102 -10.27 7.55 5.89
N THR A 103 -10.74 6.83 6.88
CA THR A 103 -9.90 5.91 7.63
C THR A 103 -8.86 5.03 6.95
N GLU A 104 -7.64 5.12 7.47
CA GLU A 104 -6.50 4.31 7.03
C GLU A 104 -6.28 3.11 8.02
N GLY A 105 -5.83 1.96 7.50
CA GLY A 105 -5.58 0.84 8.36
C GLY A 105 -6.64 -0.23 8.39
N ILE A 106 -7.75 -0.06 7.68
CA ILE A 106 -8.73 -1.12 7.72
C ILE A 106 -8.23 -2.47 7.14
N PRO A 107 -8.45 -3.58 7.85
CA PRO A 107 -8.02 -4.89 7.34
C PRO A 107 -8.46 -5.11 5.89
N GLN A 108 -7.58 -5.63 5.06
CA GLN A 108 -7.97 -5.87 3.68
C GLN A 108 -9.06 -6.89 3.61
N GLN A 109 -9.10 -7.85 4.54
CA GLN A 109 -10.16 -8.87 4.47
C GLN A 109 -11.52 -8.22 4.70
N ASP A 110 -11.55 -7.27 5.65
CA ASP A 110 -12.77 -6.47 5.97
C ASP A 110 -13.32 -5.87 4.66
N MET A 111 -12.47 -5.09 3.97
CA MET A 111 -12.86 -4.46 2.68
C MET A 111 -13.30 -5.39 1.56
N VAL A 112 -12.87 -6.64 1.54
CA VAL A 112 -13.33 -7.54 0.48
C VAL A 112 -14.73 -8.01 0.87
N ARG A 113 -14.97 -8.03 2.17
CA ARG A 113 -16.27 -8.44 2.66
C ARG A 113 -17.22 -7.27 2.36
N VAL A 114 -16.72 -6.04 2.55
CA VAL A 114 -17.47 -4.83 2.26
C VAL A 114 -17.81 -4.74 0.77
N LYS A 115 -16.80 -4.88 -0.10
CA LYS A 115 -17.13 -4.79 -1.52
C LYS A 115 -18.01 -5.91 -1.95
N HIS A 116 -18.06 -7.01 -1.19
CA HIS A 116 -18.93 -8.12 -1.60
C HIS A 116 -20.32 -7.55 -1.67
N ARG A 117 -20.68 -6.95 -0.55
CA ARG A 117 -21.96 -6.31 -0.41
C ARG A 117 -22.10 -5.12 -1.37
N LEU A 118 -21.30 -4.10 -1.13
CA LEU A 118 -21.29 -2.88 -1.93
C LEU A 118 -21.48 -3.06 -3.45
N LEU A 119 -21.07 -4.18 -4.01
CA LEU A 119 -21.22 -4.40 -5.43
C LEU A 119 -22.57 -5.01 -5.78
N ARG A 120 -23.44 -5.13 -4.78
CA ARG A 120 -24.77 -5.69 -4.97
C ARG A 120 -25.85 -4.62 -4.93
N GLN A 121 -25.79 -3.72 -3.93
CA GLN A 121 -26.73 -2.60 -3.80
C GLN A 121 -26.30 -1.47 -4.74
N GLY A 122 -27.26 -0.65 -5.11
CA GLY A 122 -27.00 0.43 -6.04
C GLY A 122 -27.34 1.78 -5.48
N LYS A 123 -27.88 1.80 -4.26
CA LYS A 123 -28.26 3.06 -3.64
C LYS A 123 -27.03 3.78 -3.10
N THR A 124 -26.02 3.01 -2.67
CA THR A 124 -24.82 3.61 -2.12
C THR A 124 -23.58 3.56 -3.01
N ARG A 125 -22.70 4.52 -2.81
CA ARG A 125 -21.48 4.58 -3.58
C ARG A 125 -20.45 4.98 -2.59
N LEU A 126 -19.36 4.23 -2.59
CA LEU A 126 -18.25 4.44 -1.66
C LEU A 126 -16.92 4.84 -2.29
N ILE A 127 -16.33 5.88 -1.71
CA ILE A 127 -15.04 6.41 -2.10
C ILE A 127 -14.18 6.02 -0.90
N GLY A 128 -13.10 5.31 -1.13
CA GLY A 128 -12.29 4.91 -0.01
C GLY A 128 -12.22 3.40 0.09
N PRO A 129 -11.61 2.91 1.18
CA PRO A 129 -11.07 3.76 2.23
C PRO A 129 -9.66 4.32 2.03
N ASN A 130 -9.09 4.83 3.12
CA ASN A 130 -7.75 5.43 3.12
C ASN A 130 -7.67 6.52 2.00
N CYS A 131 -8.58 7.49 2.05
CA CYS A 131 -8.66 8.52 1.05
C CYS A 131 -9.00 9.87 1.69
N PRO A 132 -8.48 10.97 1.11
CA PRO A 132 -8.67 12.35 1.59
C PRO A 132 -10.06 12.87 1.32
N GLY A 133 -10.75 12.21 0.39
CA GLY A 133 -12.09 12.61 0.06
C GLY A 133 -12.39 13.14 -1.32
N VAL A 134 -13.42 13.98 -1.38
CA VAL A 134 -13.88 14.57 -2.62
C VAL A 134 -14.12 16.09 -2.47
N ILE A 135 -13.89 16.85 -3.53
CA ILE A 135 -14.18 18.27 -3.45
C ILE A 135 -14.65 18.86 -4.77
N ASN A 136 -15.78 19.56 -4.68
CA ASN A 136 -16.35 20.29 -5.79
C ASN A 136 -16.06 21.69 -5.33
N PRO A 137 -14.90 22.25 -5.70
CA PRO A 137 -14.53 23.60 -5.28
C PRO A 137 -15.66 24.65 -5.28
N GLY A 138 -15.77 25.35 -4.15
CA GLY A 138 -16.74 26.41 -3.98
C GLY A 138 -18.12 25.92 -3.57
N GLU A 139 -18.50 24.73 -4.06
CA GLU A 139 -19.78 24.13 -3.77
C GLU A 139 -19.72 23.14 -2.58
N CYS A 140 -18.89 22.09 -2.65
CA CYS A 140 -18.82 21.10 -1.56
C CYS A 140 -17.50 20.34 -1.34
N LYS A 141 -17.07 20.26 -0.06
CA LYS A 141 -15.86 19.57 0.40
C LYS A 141 -16.13 18.53 1.52
N ILE A 142 -15.84 17.27 1.22
CA ILE A 142 -16.03 16.17 2.16
C ILE A 142 -14.74 15.43 2.28
N GLY A 143 -13.97 15.74 3.31
CA GLY A 143 -12.69 15.11 3.48
C GLY A 143 -11.68 15.97 4.21
N ILE A 144 -10.43 15.55 4.19
CA ILE A 144 -9.37 16.24 4.89
C ILE A 144 -8.46 17.10 4.03
N MET A 145 -8.96 17.55 2.90
CA MET A 145 -8.14 18.32 2.00
C MET A 145 -8.20 19.80 2.26
N PRO A 146 -7.07 20.50 2.11
CA PRO A 146 -7.09 21.95 2.34
C PRO A 146 -7.94 22.57 1.24
N GLY A 147 -9.02 23.22 1.61
CA GLY A 147 -9.88 23.81 0.60
C GLY A 147 -9.34 25.04 -0.12
N HIS A 148 -8.85 26.00 0.65
CA HIS A 148 -8.36 27.21 0.05
C HIS A 148 -7.41 27.03 -1.12
N ILE A 149 -6.91 25.83 -1.38
CA ILE A 149 -6.01 25.71 -2.53
C ILE A 149 -6.73 25.37 -3.82
N HIS A 150 -8.05 25.17 -3.76
CA HIS A 150 -8.84 24.87 -4.95
C HIS A 150 -9.53 26.12 -5.54
N LYS A 151 -9.66 26.14 -6.86
CA LYS A 151 -10.29 27.21 -7.55
C LYS A 151 -11.28 26.54 -8.49
N LYS A 152 -12.56 26.85 -8.40
CA LYS A 152 -13.49 26.24 -9.32
C LYS A 152 -13.01 26.48 -10.77
N GLY A 153 -13.11 25.43 -11.59
CA GLY A 153 -12.63 25.54 -12.96
C GLY A 153 -12.93 24.39 -13.89
N ARG A 154 -11.97 24.10 -14.76
CA ARG A 154 -12.13 23.07 -15.81
C ARG A 154 -11.51 21.69 -15.70
N ILE A 155 -10.56 21.47 -14.82
CA ILE A 155 -9.93 20.16 -14.73
C ILE A 155 -10.48 19.20 -13.69
N GLY A 156 -10.86 17.99 -14.15
CA GLY A 156 -11.34 16.92 -13.28
C GLY A 156 -10.11 16.18 -12.76
N ILE A 157 -10.01 16.01 -11.45
CA ILE A 157 -8.83 15.32 -10.91
C ILE A 157 -9.17 14.05 -10.13
N VAL A 158 -8.42 12.97 -10.42
CA VAL A 158 -8.58 11.68 -9.75
C VAL A 158 -7.19 11.19 -9.37
N SER A 159 -7.01 10.82 -8.10
CA SER A 159 -5.72 10.42 -7.58
C SER A 159 -5.79 9.31 -6.53
N ARG A 160 -4.72 8.54 -6.40
CA ARG A 160 -4.68 7.50 -5.38
C ARG A 160 -3.95 8.07 -4.14
N SER A 161 -3.40 9.28 -4.27
CA SER A 161 -2.71 9.82 -3.13
C SER A 161 -3.27 11.13 -2.61
N GLY A 162 -2.86 11.49 -1.40
CA GLY A 162 -3.34 12.72 -0.78
C GLY A 162 -2.58 13.98 -1.11
N THR A 163 -1.44 14.22 -0.48
CA THR A 163 -0.70 15.44 -0.75
C THR A 163 -0.20 15.61 -2.17
N LEU A 164 0.15 14.55 -2.86
CA LEU A 164 0.61 14.66 -4.23
C LEU A 164 -0.45 15.38 -5.06
N THR A 165 -1.71 15.13 -4.72
CA THR A 165 -2.84 15.73 -5.38
C THR A 165 -2.84 17.20 -5.13
N TYR A 166 -2.43 17.57 -3.92
CA TYR A 166 -2.41 18.95 -3.53
C TYR A 166 -1.43 19.67 -4.38
N GLU A 167 -0.36 18.98 -4.72
CA GLU A 167 0.67 19.56 -5.60
C GLU A 167 -0.01 19.93 -6.94
N ALA A 168 -0.70 18.96 -7.53
CA ALA A 168 -1.35 19.14 -8.79
C ALA A 168 -2.33 20.28 -8.82
N VAL A 169 -3.19 20.32 -7.80
CA VAL A 169 -4.19 21.36 -7.67
C VAL A 169 -3.51 22.71 -7.52
N HIS A 170 -2.43 22.75 -6.78
CA HIS A 170 -1.78 24.02 -6.59
C HIS A 170 -1.22 24.44 -7.93
N GLN A 171 -0.60 23.48 -8.62
CA GLN A 171 0.02 23.71 -9.89
C GLN A 171 -0.99 24.07 -10.95
N THR A 172 -2.21 23.57 -10.86
CA THR A 172 -3.15 23.96 -11.89
C THR A 172 -3.59 25.38 -11.64
N THR A 173 -4.10 25.71 -10.44
CA THR A 173 -4.55 27.09 -10.17
C THR A 173 -3.44 28.10 -10.49
N GLN A 174 -2.22 27.87 -10.05
CA GLN A 174 -1.17 28.83 -10.38
C GLN A 174 -0.99 29.16 -11.85
N VAL A 175 -1.46 28.30 -12.76
CA VAL A 175 -1.43 28.62 -14.20
C VAL A 175 -2.84 29.10 -14.56
N GLY A 176 -3.68 29.23 -13.51
CA GLY A 176 -5.03 29.73 -13.62
C GLY A 176 -6.10 28.79 -14.10
N LEU A 177 -5.81 27.50 -14.17
CA LEU A 177 -6.80 26.59 -14.70
C LEU A 177 -8.01 26.15 -13.86
N GLY A 178 -7.83 25.99 -12.53
CA GLY A 178 -8.96 25.58 -11.68
C GLY A 178 -9.44 24.13 -11.80
N GLN A 179 -10.37 23.70 -10.93
CA GLN A 179 -10.88 22.32 -10.95
C GLN A 179 -12.42 22.20 -10.97
N SER A 180 -12.92 21.16 -11.60
CA SER A 180 -14.36 20.96 -11.65
C SER A 180 -14.84 20.11 -10.52
N LEU A 181 -14.10 19.03 -10.32
CA LEU A 181 -14.35 17.99 -9.31
C LEU A 181 -13.08 17.16 -9.07
N CYS A 182 -12.67 17.08 -7.81
CA CYS A 182 -11.52 16.28 -7.46
C CYS A 182 -11.93 15.10 -6.62
N VAL A 183 -11.43 13.93 -6.98
CA VAL A 183 -11.73 12.73 -6.22
C VAL A 183 -10.48 11.94 -5.89
N GLY A 184 -10.17 11.88 -4.57
CA GLY A 184 -9.05 11.09 -4.12
C GLY A 184 -9.62 9.71 -3.80
N ILE A 185 -9.35 8.70 -4.64
CA ILE A 185 -9.89 7.35 -4.41
C ILE A 185 -9.14 6.53 -3.36
N GLY A 186 -8.05 7.05 -2.81
CA GLY A 186 -7.38 6.31 -1.76
C GLY A 186 -6.18 5.43 -2.09
N GLY A 187 -5.33 5.18 -1.09
CA GLY A 187 -4.17 4.34 -1.32
C GLY A 187 -4.28 2.86 -0.98
N ASP A 188 -5.48 2.33 -0.79
CA ASP A 188 -5.67 0.92 -0.44
C ASP A 188 -5.92 0.07 -1.65
N PRO A 189 -5.65 -1.25 -1.54
CA PRO A 189 -5.86 -2.15 -2.68
C PRO A 189 -7.31 -2.47 -3.06
N PHE A 190 -8.19 -2.56 -2.06
CA PHE A 190 -9.60 -2.81 -2.36
C PHE A 190 -10.40 -1.59 -1.90
N ASN A 191 -11.08 -0.94 -2.84
CA ASN A 191 -11.82 0.28 -2.50
C ASN A 191 -13.11 0.40 -3.30
N GLY A 192 -13.96 1.31 -2.82
CA GLY A 192 -15.26 1.50 -3.40
C GLY A 192 -15.36 2.19 -4.72
N THR A 193 -14.33 2.95 -5.13
CA THR A 193 -14.38 3.71 -6.38
C THR A 193 -13.00 3.64 -6.97
N ASP A 194 -12.95 3.44 -8.28
CA ASP A 194 -11.69 3.39 -8.92
C ASP A 194 -11.53 4.57 -9.90
N PHE A 195 -10.53 4.55 -10.79
CA PHE A 195 -10.27 5.61 -11.76
C PHE A 195 -11.39 5.73 -12.83
N THR A 196 -11.62 4.61 -13.53
CA THR A 196 -12.62 4.54 -14.59
C THR A 196 -13.96 5.05 -14.06
N ASP A 197 -14.27 4.73 -12.82
CA ASP A 197 -15.51 5.22 -12.24
C ASP A 197 -15.58 6.71 -12.36
N CYS A 198 -14.46 7.39 -12.05
CA CYS A 198 -14.37 8.84 -12.07
C CYS A 198 -14.28 9.41 -13.49
N LEU A 199 -13.57 8.69 -14.36
CA LEU A 199 -13.36 9.13 -15.73
C LEU A 199 -14.69 9.16 -16.51
N GLU A 200 -15.56 8.22 -16.22
CA GLU A 200 -16.85 8.21 -16.86
C GLU A 200 -17.40 9.61 -16.47
N ILE A 201 -17.57 9.88 -15.18
CA ILE A 201 -18.08 11.15 -14.71
C ILE A 201 -17.46 12.37 -15.38
N PHE A 202 -16.13 12.45 -15.43
CA PHE A 202 -15.44 13.55 -16.09
C PHE A 202 -15.72 13.55 -17.59
N LEU A 203 -15.67 12.39 -18.24
CA LEU A 203 -15.91 12.38 -19.68
C LEU A 203 -17.28 12.86 -20.08
N ASN A 204 -18.29 12.72 -19.21
CA ASN A 204 -19.63 13.21 -19.51
C ASN A 204 -19.93 14.54 -18.80
N ASP A 205 -18.93 15.15 -18.18
CA ASP A 205 -19.19 16.41 -17.51
C ASP A 205 -18.91 17.57 -18.48
N PRO A 206 -19.91 18.44 -18.73
CA PRO A 206 -19.57 19.50 -19.67
C PRO A 206 -18.55 20.44 -19.04
N ALA A 207 -18.70 20.63 -17.73
CA ALA A 207 -17.80 21.49 -16.94
C ALA A 207 -16.38 21.00 -16.98
N THR A 208 -16.18 19.69 -17.19
CA THR A 208 -14.83 19.13 -17.27
C THR A 208 -14.28 19.13 -18.69
N GLU A 209 -13.20 19.88 -18.92
CA GLU A 209 -12.60 19.97 -20.24
C GLU A 209 -11.29 19.21 -20.33
N GLY A 210 -10.69 18.98 -19.18
CA GLY A 210 -9.44 18.26 -19.14
C GLY A 210 -9.44 17.38 -17.90
N ILE A 211 -8.50 16.44 -17.86
CA ILE A 211 -8.40 15.56 -16.74
C ILE A 211 -6.96 15.31 -16.34
N ILE A 212 -6.71 15.31 -15.03
CA ILE A 212 -5.38 14.95 -14.55
C ILE A 212 -5.59 13.66 -13.76
N LEU A 213 -4.79 12.63 -14.05
CA LEU A 213 -4.87 11.35 -13.32
C LEU A 213 -3.56 11.05 -12.57
N ILE A 214 -3.61 10.98 -11.24
CA ILE A 214 -2.41 10.71 -10.47
C ILE A 214 -2.44 9.29 -9.94
N GLY A 215 -1.40 8.50 -10.27
CA GLY A 215 -1.33 7.13 -9.78
C GLY A 215 0.02 6.80 -9.14
N GLU A 216 0.23 5.51 -8.90
CA GLU A 216 1.49 5.04 -8.32
C GLU A 216 1.69 3.53 -8.57
N ILE A 217 2.72 2.96 -7.96
CA ILE A 217 2.92 1.54 -8.16
C ILE A 217 1.80 0.77 -7.48
N GLY A 218 1.71 -0.54 -7.79
CA GLY A 218 0.72 -1.41 -7.17
C GLY A 218 -0.61 -1.48 -7.87
N GLY A 219 -1.15 -2.70 -8.00
CA GLY A 219 -2.41 -2.94 -8.66
C GLY A 219 -2.50 -2.71 -10.16
N ASN A 220 -3.71 -2.78 -10.69
CA ASN A 220 -3.94 -2.58 -12.12
C ASN A 220 -4.96 -1.46 -12.48
N ALA A 221 -5.45 -0.75 -11.47
CA ALA A 221 -6.42 0.33 -11.69
C ALA A 221 -5.99 1.31 -12.80
N GLU A 222 -4.67 1.52 -12.94
CA GLU A 222 -4.12 2.42 -13.94
C GLU A 222 -4.27 1.80 -15.30
N GLU A 223 -3.99 0.51 -15.37
CA GLU A 223 -4.10 -0.17 -16.63
C GLU A 223 -5.58 -0.26 -17.09
N ASN A 224 -6.52 -0.34 -16.15
CA ASN A 224 -7.92 -0.38 -16.54
C ASN A 224 -8.36 0.97 -17.03
N ALA A 225 -7.75 1.99 -16.47
CA ALA A 225 -8.01 3.35 -16.85
C ALA A 225 -7.61 3.54 -18.31
N ALA A 226 -6.38 3.17 -18.62
CA ALA A 226 -5.84 3.28 -19.96
C ALA A 226 -6.73 2.51 -20.93
N GLU A 227 -7.29 1.41 -20.47
CA GLU A 227 -8.14 0.63 -21.34
C GLU A 227 -9.41 1.43 -21.60
N PHE A 228 -10.05 1.88 -20.54
CA PHE A 228 -11.26 2.63 -20.65
C PHE A 228 -11.13 3.88 -21.50
N LEU A 229 -9.98 4.55 -21.46
CA LEU A 229 -9.88 5.77 -22.22
C LEU A 229 -9.72 5.48 -23.69
N LYS A 230 -9.08 4.36 -24.01
CA LYS A 230 -8.86 3.94 -25.39
C LYS A 230 -10.22 3.73 -26.02
N GLN A 231 -11.10 3.13 -25.22
CA GLN A 231 -12.45 2.82 -25.64
C GLN A 231 -13.41 3.99 -25.63
N HIS A 232 -13.40 4.82 -24.59
CA HIS A 232 -14.35 5.92 -24.57
C HIS A 232 -13.84 7.35 -24.79
N ASN A 233 -12.54 7.53 -25.00
CA ASN A 233 -11.96 8.86 -25.21
C ASN A 233 -11.17 9.07 -26.50
N SER A 234 -11.43 8.27 -27.53
CA SER A 234 -10.71 8.47 -28.79
C SER A 234 -11.69 9.10 -29.72
N GLY A 235 -11.21 9.65 -30.80
CA GLY A 235 -12.17 10.26 -31.69
C GLY A 235 -12.26 11.75 -31.52
N PRO A 236 -12.86 12.41 -32.50
CA PRO A 236 -13.13 13.83 -32.67
C PRO A 236 -13.41 14.70 -31.44
N LYS A 237 -13.89 14.15 -30.36
CA LYS A 237 -14.10 15.06 -29.25
C LYS A 237 -13.50 14.59 -27.93
N SER A 238 -12.31 14.02 -27.98
CA SER A 238 -11.73 13.53 -26.77
C SER A 238 -11.18 14.68 -25.89
N LYS A 239 -11.29 14.53 -24.57
CA LYS A 239 -10.75 15.52 -23.66
C LYS A 239 -9.26 15.23 -23.37
N PRO A 240 -8.42 16.27 -23.21
CA PRO A 240 -7.03 15.90 -22.93
C PRO A 240 -6.85 15.36 -21.51
N VAL A 241 -5.95 14.39 -21.38
CA VAL A 241 -5.70 13.72 -20.13
C VAL A 241 -4.22 13.75 -19.82
N VAL A 242 -3.92 14.36 -18.68
CA VAL A 242 -2.54 14.47 -18.26
C VAL A 242 -2.36 13.58 -17.01
N SER A 243 -1.21 12.93 -16.92
CA SER A 243 -0.99 12.06 -15.80
C SER A 243 0.46 11.94 -15.25
N PHE A 244 0.53 11.63 -13.96
CA PHE A 244 1.79 11.35 -13.35
C PHE A 244 1.57 10.06 -12.49
N ILE A 245 2.58 9.18 -12.50
CA ILE A 245 2.51 7.93 -11.74
C ILE A 245 3.72 7.87 -10.84
N ALA A 246 3.54 7.65 -9.56
CA ALA A 246 4.71 7.66 -8.68
C ALA A 246 5.23 6.27 -8.45
N GLY A 247 6.52 6.21 -8.10
CA GLY A 247 7.09 4.93 -7.81
C GLY A 247 8.06 4.45 -8.83
N LEU A 248 8.55 5.32 -9.72
CA LEU A 248 9.50 4.83 -10.69
C LEU A 248 10.78 4.35 -10.02
N THR A 249 11.09 4.94 -8.88
CA THR A 249 12.30 4.61 -8.13
C THR A 249 11.96 3.73 -6.92
N ALA A 250 10.74 3.26 -6.83
CA ALA A 250 10.42 2.42 -5.72
C ALA A 250 11.10 1.03 -5.84
N PRO A 251 11.60 0.50 -4.72
CA PRO A 251 12.22 -0.82 -4.85
C PRO A 251 11.06 -1.81 -4.77
N PRO A 252 11.18 -2.99 -5.37
CA PRO A 252 10.09 -3.98 -5.33
C PRO A 252 10.03 -4.70 -4.01
N GLY A 253 8.86 -5.24 -3.71
CA GLY A 253 8.67 -6.00 -2.49
C GLY A 253 8.44 -5.15 -1.27
N ARG A 254 8.42 -3.82 -1.43
CA ARG A 254 8.22 -2.95 -0.27
C ARG A 254 6.90 -2.20 -0.28
N ARG A 255 6.34 -1.91 0.88
CA ARG A 255 5.10 -1.14 0.95
C ARG A 255 5.47 0.35 1.09
N MET A 256 5.34 1.11 0.00
CA MET A 256 5.69 2.54 0.00
C MET A 256 4.66 3.41 0.71
N GLY A 257 4.50 3.21 2.00
CA GLY A 257 3.51 3.99 2.67
C GLY A 257 2.13 3.40 2.53
N NEP A 258 1.43 3.78 1.47
CA NEP A 258 0.06 3.27 1.24
C NEP A 258 0.03 1.73 1.14
O NEP A 258 0.79 1.12 0.41
CB NEP A 258 -0.54 3.81 -0.11
CG NEP A 258 -0.59 5.30 -0.28
ND1 NEP A 258 -0.42 5.89 -1.51
CD2 NEP A 258 -0.85 6.30 0.59
CE1 NEP A 258 -0.59 7.20 -1.40
NE2 NEP A 258 -0.85 7.48 -0.13
P NEP A 258 -0.88 9.25 0.51
O1P NEP A 258 -0.39 10.12 -0.59
O2P NEP A 258 -2.32 9.49 0.81
O3P NEP A 258 0.07 9.56 1.64
N ALA A 259 -0.90 1.11 1.85
CA ALA A 259 -1.04 -0.34 1.78
C ALA A 259 -0.99 -0.92 0.32
N GLY A 260 -1.67 -0.27 -0.62
CA GLY A 260 -1.69 -0.77 -1.98
C GLY A 260 -0.49 -0.44 -2.84
N ALA A 261 0.43 0.40 -2.32
CA ALA A 261 1.59 0.84 -3.07
C ALA A 261 2.80 -0.12 -3.00
N ILE A 262 2.63 -1.28 -3.62
CA ILE A 262 3.67 -2.28 -3.54
C ILE A 262 3.79 -3.06 -4.82
N ILE A 263 5.00 -3.18 -5.35
CA ILE A 263 5.21 -3.97 -6.55
C ILE A 263 5.41 -5.42 -6.04
N ALA A 264 4.47 -6.32 -6.36
CA ALA A 264 4.50 -7.74 -5.90
C ALA A 264 4.43 -8.79 -7.01
N GLY A 265 5.16 -9.89 -6.85
CA GLY A 265 5.09 -10.95 -7.84
C GLY A 265 5.31 -10.42 -9.24
N GLY A 266 6.21 -9.44 -9.33
CA GLY A 266 6.50 -8.86 -10.63
C GLY A 266 5.36 -8.01 -11.19
N LYS A 267 4.31 -7.76 -10.42
CA LYS A 267 3.24 -6.95 -10.93
C LYS A 267 3.07 -5.65 -10.15
N GLY A 268 2.73 -4.56 -10.85
CA GLY A 268 2.47 -3.28 -10.19
C GLY A 268 3.45 -2.15 -10.42
N GLY A 269 4.47 -2.37 -11.27
CA GLY A 269 5.44 -1.33 -11.53
C GLY A 269 4.98 -0.12 -12.32
N ALA A 270 5.61 1.02 -12.10
CA ALA A 270 5.21 2.25 -12.79
C ALA A 270 5.39 2.29 -14.31
N LYS A 271 6.55 1.82 -14.79
CA LYS A 271 6.91 1.79 -16.21
C LYS A 271 5.77 1.22 -17.04
N GLU A 272 5.23 0.07 -16.66
CA GLU A 272 4.14 -0.50 -17.44
C GLU A 272 2.87 0.35 -17.36
N LYS A 273 2.67 1.05 -16.27
CA LYS A 273 1.50 1.87 -16.10
C LYS A 273 1.59 3.06 -17.04
N ILE A 274 2.78 3.64 -17.09
CA ILE A 274 3.01 4.81 -17.89
C ILE A 274 2.86 4.50 -19.36
N THR A 275 3.42 3.36 -19.78
CA THR A 275 3.34 2.91 -21.17
C THR A 275 1.89 2.62 -21.62
N ALA A 276 1.08 2.12 -20.72
CA ALA A 276 -0.30 1.86 -21.07
C ALA A 276 -1.07 3.13 -21.27
N LEU A 277 -1.07 4.04 -20.29
CA LEU A 277 -1.80 5.28 -20.46
C LEU A 277 -1.34 6.04 -21.73
N GLN A 278 -0.03 6.04 -22.00
CA GLN A 278 0.44 6.71 -23.20
C GLN A 278 -0.23 6.09 -24.39
N SER A 279 -0.22 4.77 -24.44
CA SER A 279 -0.88 4.10 -25.55
C SER A 279 -2.33 4.59 -25.67
N ALA A 280 -2.97 5.04 -24.60
CA ALA A 280 -4.36 5.55 -24.72
C ALA A 280 -4.50 7.06 -24.95
N GLY A 281 -3.44 7.72 -25.41
CA GLY A 281 -3.55 9.14 -25.68
C GLY A 281 -3.19 10.10 -24.55
N VAL A 282 -3.04 9.53 -23.36
CA VAL A 282 -2.69 10.24 -22.14
C VAL A 282 -1.26 10.79 -22.24
N VAL A 283 -1.10 12.11 -22.06
CA VAL A 283 0.23 12.72 -22.06
C VAL A 283 0.67 12.58 -20.59
N VAL A 284 1.79 11.91 -20.41
CA VAL A 284 2.32 11.66 -19.08
C VAL A 284 3.49 12.56 -18.72
N SER A 285 3.28 13.40 -17.72
CA SER A 285 4.30 14.30 -17.25
C SER A 285 5.38 13.47 -16.65
N MET A 286 6.63 13.77 -16.98
CA MET A 286 7.75 13.04 -16.44
C MET A 286 8.04 13.49 -14.99
N SER A 287 8.05 14.80 -14.78
CA SER A 287 8.29 15.36 -13.47
C SER A 287 6.94 15.60 -12.80
N PRO A 288 6.83 15.30 -11.50
CA PRO A 288 5.54 15.55 -10.89
C PRO A 288 5.39 17.03 -10.67
N ALA A 289 6.48 17.75 -10.91
CA ALA A 289 6.45 19.17 -10.75
C ALA A 289 5.76 19.89 -11.89
N GLN A 290 5.59 19.22 -13.04
CA GLN A 290 4.99 19.78 -14.25
C GLN A 290 3.57 19.38 -14.68
N LEU A 291 2.68 19.12 -13.76
CA LEU A 291 1.36 18.74 -14.18
C LEU A 291 0.54 19.96 -14.63
N GLY A 292 0.80 21.11 -14.00
CA GLY A 292 0.09 22.32 -14.34
C GLY A 292 0.53 22.81 -15.71
N THR A 293 1.84 22.92 -15.91
CA THR A 293 2.38 23.39 -17.16
C THR A 293 2.05 22.38 -18.28
N THR A 294 2.12 21.10 -17.97
CA THR A 294 1.79 20.09 -18.98
C THR A 294 0.31 20.17 -19.44
N ILE A 295 -0.67 20.22 -18.54
CA ILE A 295 -2.02 20.27 -19.04
C ILE A 295 -2.32 21.61 -19.61
N TYR A 296 -1.55 22.61 -19.19
CA TYR A 296 -1.76 23.98 -19.68
C TYR A 296 -1.51 23.98 -21.22
N LYS A 297 -0.36 23.43 -21.63
CA LYS A 297 0.06 23.30 -23.00
C LYS A 297 -0.93 22.49 -23.82
N GLU A 298 -1.50 21.45 -23.20
CA GLU A 298 -2.44 20.64 -23.92
C GLU A 298 -3.61 21.50 -24.29
N PHE A 299 -4.14 22.27 -23.33
CA PHE A 299 -5.26 23.17 -23.62
C PHE A 299 -4.89 24.17 -24.72
N GLU A 300 -3.68 24.74 -24.61
CA GLU A 300 -3.18 25.70 -25.57
C GLU A 300 -3.06 25.10 -26.98
N LYS A 301 -2.61 23.85 -27.09
CA LYS A 301 -2.51 23.25 -28.43
C LYS A 301 -3.91 23.16 -29.08
N ARG A 302 -4.86 22.61 -28.33
CA ARG A 302 -6.23 22.48 -28.82
C ARG A 302 -6.93 23.83 -28.81
N LYS A 303 -6.17 24.86 -28.44
CA LYS A 303 -6.66 26.23 -28.38
C LYS A 303 -7.92 26.37 -27.49
N MET A 304 -7.90 25.69 -26.35
CA MET A 304 -9.04 25.72 -25.43
C MET A 304 -8.96 26.75 -24.32
N LEU A 305 -7.86 27.50 -24.28
CA LEU A 305 -7.60 28.55 -23.30
C LEU A 305 -8.64 29.68 -23.24
N MET B 1 3.66 -8.37 6.91
CA MET B 1 4.77 -8.94 7.72
C MET B 1 4.96 -10.38 7.26
N ASN B 2 6.17 -10.93 7.51
CA ASN B 2 6.50 -12.33 7.22
C ASN B 2 7.11 -13.03 8.42
N LEU B 3 6.82 -14.31 8.60
CA LEU B 3 7.41 -15.06 9.74
C LEU B 3 8.47 -16.00 9.23
N GLN B 4 9.24 -16.57 10.15
CA GLN B 4 10.24 -17.54 9.74
C GLN B 4 9.49 -18.86 9.36
N GLU B 5 10.08 -19.57 8.41
CA GLU B 5 9.51 -20.81 7.91
C GLU B 5 9.11 -21.73 9.07
N TYR B 6 9.94 -21.83 10.10
CA TYR B 6 9.55 -22.72 11.15
C TYR B 6 8.30 -22.22 11.86
N GLN B 7 8.04 -20.90 11.88
CA GLN B 7 6.85 -20.38 12.55
C GLN B 7 5.63 -20.54 11.69
N SER B 8 5.77 -20.36 10.39
CA SER B 8 4.60 -20.56 9.59
C SER B 8 4.21 -22.04 9.36
N LYS B 9 5.13 -22.99 9.56
CA LYS B 9 4.78 -24.41 9.38
C LYS B 9 4.04 -24.81 10.63
N LYS B 10 4.56 -24.31 11.74
CA LYS B 10 3.94 -24.54 13.03
C LYS B 10 2.47 -24.22 12.84
N LEU B 11 2.25 -22.96 12.51
CA LEU B 11 0.95 -22.38 12.29
C LEU B 11 0.12 -23.19 11.34
N MET B 12 0.70 -23.60 10.22
CA MET B 12 -0.05 -24.41 9.27
C MET B 12 -0.39 -25.73 9.93
N SER B 13 0.55 -26.26 10.70
CA SER B 13 0.31 -27.51 11.35
C SER B 13 -0.86 -27.38 12.33
N ASP B 14 -0.84 -26.38 13.17
CA ASP B 14 -1.93 -26.28 14.11
C ASP B 14 -3.30 -26.02 13.50
N ASN B 15 -3.37 -25.81 12.21
CA ASN B 15 -4.65 -25.54 11.62
C ASN B 15 -4.94 -26.64 10.62
N GLY B 16 -4.39 -27.82 10.96
CA GLY B 16 -4.59 -29.03 10.17
C GLY B 16 -3.96 -29.24 8.79
N VAL B 17 -2.87 -28.55 8.50
CA VAL B 17 -2.24 -28.73 7.19
C VAL B 17 -1.04 -29.60 7.48
N LYS B 18 -0.81 -30.63 6.65
CA LYS B 18 0.30 -31.60 6.80
C LYS B 18 1.63 -31.10 6.25
N VAL B 19 2.64 -31.04 7.10
CA VAL B 19 3.96 -30.57 6.69
C VAL B 19 4.98 -31.54 7.21
N GLN B 20 6.23 -31.32 6.85
CA GLN B 20 7.32 -32.18 7.29
C GLN B 20 7.55 -32.01 8.75
N ARG B 21 7.98 -33.11 9.39
CA ARG B 21 8.30 -33.13 10.82
C ARG B 21 9.56 -32.26 10.88
N PHE B 22 9.77 -31.52 11.96
CA PHE B 22 10.96 -30.70 11.95
C PHE B 22 11.35 -30.22 13.30
N PHE B 23 12.61 -29.80 13.38
CA PHE B 23 13.20 -29.26 14.58
C PHE B 23 13.94 -27.97 14.26
N VAL B 24 13.90 -27.03 15.22
CA VAL B 24 14.53 -25.71 15.09
C VAL B 24 15.79 -25.70 15.93
N ALA B 25 16.84 -25.03 15.48
CA ALA B 25 18.12 -25.04 16.21
C ALA B 25 18.81 -23.69 16.33
N ASP B 26 19.34 -23.39 17.51
CA ASP B 26 20.07 -22.13 17.74
C ASP B 26 21.60 -22.34 17.69
N THR B 27 22.04 -23.58 17.80
CA THR B 27 23.46 -23.96 17.78
C THR B 27 23.75 -25.05 16.71
N ALA B 28 25.01 -25.23 16.32
CA ALA B 28 25.37 -26.27 15.32
C ALA B 28 25.28 -27.67 15.91
N ASN B 29 25.24 -27.72 17.24
CA ASN B 29 25.17 -28.97 17.96
C ASN B 29 23.73 -29.40 18.13
N GLU B 30 22.84 -28.43 18.32
CA GLU B 30 21.44 -28.77 18.46
C GLU B 30 20.92 -29.25 17.12
N ALA B 31 21.47 -28.64 16.07
CA ALA B 31 21.12 -28.96 14.70
C ALA B 31 21.57 -30.37 14.43
N LEU B 32 22.84 -30.64 14.69
CA LEU B 32 23.42 -31.97 14.50
C LEU B 32 22.69 -33.03 15.35
N GLU B 33 22.40 -32.72 16.62
CA GLU B 33 21.68 -33.66 17.48
C GLU B 33 20.22 -33.76 17.13
N ALA B 34 19.76 -32.84 16.29
CA ALA B 34 18.39 -32.82 15.84
C ALA B 34 18.21 -33.78 14.65
N ALA B 35 19.22 -33.83 13.77
CA ALA B 35 19.20 -34.72 12.59
C ALA B 35 19.25 -36.20 13.03
N LYS B 36 19.87 -36.43 14.20
CA LYS B 36 19.98 -37.75 14.78
C LYS B 36 18.64 -38.02 15.42
N ARG B 37 18.13 -37.03 16.16
CA ARG B 37 16.85 -37.17 16.84
C ARG B 37 15.66 -37.37 15.89
N LEU B 38 15.74 -36.82 14.68
CA LEU B 38 14.64 -37.05 13.77
C LEU B 38 14.64 -38.54 13.57
N ASN B 39 15.60 -39.03 12.78
CA ASN B 39 15.77 -40.44 12.48
C ASN B 39 15.04 -40.72 11.18
N ALA B 40 15.72 -40.53 10.05
CA ALA B 40 15.08 -40.77 8.77
C ALA B 40 16.07 -40.94 7.63
N LYS B 41 15.56 -41.40 6.49
CA LYS B 41 16.39 -41.59 5.30
C LYS B 41 17.27 -40.38 4.99
N GLU B 42 16.62 -39.25 4.69
CA GLU B 42 17.35 -38.03 4.34
C GLU B 42 16.96 -36.86 5.24
N ILE B 43 17.69 -35.75 5.14
CA ILE B 43 17.41 -34.56 5.96
C ILE B 43 17.59 -33.26 5.19
N VAL B 44 16.70 -32.28 5.44
CA VAL B 44 16.81 -30.95 4.81
C VAL B 44 17.20 -30.05 5.98
N LEU B 45 18.26 -29.29 5.79
CA LEU B 45 18.74 -28.33 6.78
C LEU B 45 18.58 -27.03 6.00
N LYS B 46 17.79 -26.13 6.56
CA LYS B 46 17.50 -24.86 5.93
C LYS B 46 17.70 -23.67 6.85
N ALA B 47 18.57 -22.75 6.47
CA ALA B 47 18.79 -21.57 7.28
C ALA B 47 17.49 -20.78 7.33
N GLN B 48 17.27 -20.04 8.40
CA GLN B 48 16.06 -19.24 8.51
C GLN B 48 16.25 -17.72 8.35
N ILE B 49 15.81 -17.21 7.21
CA ILE B 49 15.82 -15.80 6.95
C ILE B 49 14.53 -15.61 6.13
N LEU B 50 13.90 -14.44 6.25
CA LEU B 50 12.64 -14.15 5.52
C LEU B 50 12.79 -13.95 4.03
N ALA B 51 13.98 -13.56 3.57
CA ALA B 51 14.21 -13.37 2.15
C ALA B 51 14.22 -14.72 1.43
N GLY B 52 13.56 -14.78 0.28
CA GLY B 52 13.53 -16.01 -0.51
C GLY B 52 14.93 -16.11 -1.10
N GLY B 53 15.25 -17.19 -1.81
CA GLY B 53 16.60 -17.26 -2.40
C GLY B 53 17.63 -18.14 -1.70
N ARG B 54 17.34 -18.52 -0.46
CA ARG B 54 18.21 -19.36 0.35
C ARG B 54 18.93 -20.48 -0.43
N GLY B 55 18.20 -21.15 -1.31
CA GLY B 55 18.76 -22.26 -2.06
C GLY B 55 20.10 -22.01 -2.70
N LYS B 56 20.09 -21.05 -3.62
CA LYS B 56 21.26 -20.63 -4.37
C LYS B 56 22.06 -19.49 -3.72
N GLY B 57 21.63 -19.06 -2.52
CA GLY B 57 22.33 -18.00 -1.80
C GLY B 57 23.73 -18.39 -1.30
N VAL B 58 24.48 -17.44 -0.77
CA VAL B 58 25.84 -17.71 -0.28
C VAL B 58 26.07 -17.16 1.13
N PHE B 59 26.66 -17.98 2.01
CA PHE B 59 26.93 -17.53 3.37
C PHE B 59 28.23 -16.80 3.42
N SER B 60 28.45 -16.12 4.55
CA SER B 60 29.65 -15.36 4.77
C SER B 60 30.69 -16.22 5.51
N SER B 61 30.40 -17.51 5.66
CA SER B 61 31.32 -18.45 6.30
C SER B 61 32.08 -19.06 5.10
N GLY B 62 31.63 -18.61 3.93
CA GLY B 62 32.13 -19.09 2.66
C GLY B 62 31.15 -20.08 2.03
N LEU B 63 30.38 -20.77 2.89
CA LEU B 63 29.43 -21.78 2.46
C LEU B 63 28.44 -21.26 1.42
N LYS B 64 28.34 -22.02 0.33
CA LYS B 64 27.42 -21.67 -0.75
C LYS B 64 26.15 -22.47 -0.40
N GLY B 65 24.98 -21.86 -0.57
CA GLY B 65 23.74 -22.56 -0.30
C GLY B 65 23.13 -22.43 1.09
N GLY B 66 21.83 -22.08 1.10
CA GLY B 66 21.07 -21.95 2.33
C GLY B 66 20.18 -23.16 2.54
N VAL B 67 20.21 -24.11 1.63
CA VAL B 67 19.40 -25.31 1.75
C VAL B 67 20.24 -26.52 1.39
N HIS B 68 20.19 -27.57 2.21
CA HIS B 68 21.00 -28.76 1.96
C HIS B 68 20.36 -30.10 2.35
N LEU B 69 20.58 -31.12 1.51
CA LEU B 69 20.04 -32.46 1.77
C LEU B 69 21.15 -33.49 2.06
N THR B 70 21.07 -34.18 3.20
CA THR B 70 22.06 -35.22 3.50
C THR B 70 21.52 -36.24 4.50
N LYS B 71 21.80 -37.51 4.23
CA LYS B 71 21.30 -38.56 5.09
C LYS B 71 22.12 -38.72 6.35
N ASP B 72 23.26 -38.05 6.41
CA ASP B 72 24.13 -38.18 7.59
C ASP B 72 24.11 -37.06 8.63
N PRO B 73 23.54 -37.35 9.83
CA PRO B 73 23.46 -36.39 10.91
C PRO B 73 24.72 -35.54 11.07
N GLU B 74 25.85 -36.05 10.57
CA GLU B 74 27.12 -35.33 10.67
C GLU B 74 27.22 -34.19 9.69
N VAL B 75 26.95 -34.46 8.42
CA VAL B 75 27.03 -33.38 7.45
C VAL B 75 26.21 -32.20 7.99
N VAL B 76 25.07 -32.50 8.62
CA VAL B 76 24.24 -31.44 9.19
C VAL B 76 25.11 -30.55 10.07
N GLY B 77 25.69 -31.15 11.11
CA GLY B 77 26.56 -30.44 12.04
C GLY B 77 27.62 -29.55 11.41
N GLN B 78 28.46 -30.14 10.57
CA GLN B 78 29.51 -29.40 9.87
C GLN B 78 28.90 -28.25 9.08
N LEU B 79 27.77 -28.49 8.41
CA LEU B 79 27.11 -27.45 7.63
C LEU B 79 26.53 -26.36 8.58
N ALA B 80 25.97 -26.80 9.70
CA ALA B 80 25.40 -25.86 10.67
C ALA B 80 26.49 -24.86 11.09
N LYS B 81 27.60 -25.39 11.60
CA LYS B 81 28.72 -24.56 12.02
C LYS B 81 28.85 -23.37 11.10
N GLN B 82 28.73 -23.59 9.82
CA GLN B 82 28.91 -22.49 8.91
C GLN B 82 27.69 -21.63 8.68
N MET B 83 26.64 -21.79 9.47
CA MET B 83 25.45 -20.95 9.23
C MET B 83 25.09 -20.06 10.42
N ILE B 84 24.91 -20.67 11.58
CA ILE B 84 24.57 -19.89 12.76
C ILE B 84 25.69 -18.85 12.88
N GLY B 85 25.33 -17.60 13.12
CA GLY B 85 26.35 -16.58 13.27
C GLY B 85 26.71 -15.81 12.03
N TYR B 86 26.65 -16.47 10.86
CA TYR B 86 27.01 -15.82 9.63
C TYR B 86 25.86 -15.16 8.95
N ASN B 87 26.13 -14.51 7.83
CA ASN B 87 25.12 -13.79 7.06
C ASN B 87 24.82 -14.47 5.74
N LEU B 88 23.56 -14.46 5.35
CA LEU B 88 23.21 -15.08 4.10
C LEU B 88 22.70 -14.04 3.12
N ALA B 89 23.27 -14.05 1.92
CA ALA B 89 22.88 -13.12 0.90
C ALA B 89 22.18 -13.90 -0.20
N THR B 90 21.13 -13.34 -0.77
CA THR B 90 20.46 -14.07 -1.82
C THR B 90 20.11 -13.10 -2.91
N LYS B 91 19.65 -13.62 -4.04
CA LYS B 91 19.23 -12.79 -5.15
C LYS B 91 18.17 -11.80 -4.61
N GLN B 92 17.83 -11.89 -3.32
CA GLN B 92 16.80 -11.03 -2.73
C GLN B 92 17.12 -10.21 -1.50
N THR B 93 18.37 -10.24 -1.05
CA THR B 93 18.77 -9.47 0.12
C THR B 93 19.90 -8.49 -0.16
N PRO B 94 20.13 -7.57 0.78
CA PRO B 94 21.19 -6.57 0.66
C PRO B 94 22.46 -7.34 0.36
N LYS B 95 23.37 -6.73 -0.39
CA LYS B 95 24.62 -7.37 -0.78
C LYS B 95 25.38 -8.12 0.29
N GLU B 96 25.28 -7.71 1.55
CA GLU B 96 25.97 -8.42 2.62
C GLU B 96 25.02 -9.33 3.39
N GLY B 97 23.80 -9.48 2.84
CA GLY B 97 22.78 -10.34 3.43
C GLY B 97 22.45 -10.26 4.91
N VAL B 98 21.44 -11.05 5.26
CA VAL B 98 20.90 -11.14 6.62
C VAL B 98 21.68 -12.08 7.53
N LYS B 99 21.77 -11.79 8.83
CA LYS B 99 22.45 -12.70 9.77
C LYS B 99 21.48 -13.88 10.06
N VAL B 100 22.00 -15.06 10.39
CA VAL B 100 21.16 -16.23 10.64
C VAL B 100 21.29 -16.68 12.08
N ASN B 101 20.21 -16.86 12.82
CA ASN B 101 20.31 -17.22 14.22
C ASN B 101 19.71 -18.54 14.61
N LYS B 102 19.06 -19.15 13.63
CA LYS B 102 18.43 -20.45 13.81
C LYS B 102 18.41 -21.19 12.46
N VAL B 103 18.46 -22.52 12.55
CA VAL B 103 18.33 -23.32 11.33
C VAL B 103 17.18 -24.27 11.60
N MET B 104 16.65 -24.84 10.54
CA MET B 104 15.57 -25.79 10.65
C MET B 104 16.12 -27.15 10.16
N VAL B 105 15.97 -28.17 11.00
CA VAL B 105 16.42 -29.48 10.60
C VAL B 105 15.16 -30.31 10.57
N ALA B 106 14.67 -30.47 9.34
CA ALA B 106 13.43 -31.21 9.05
C ALA B 106 13.71 -32.48 8.29
N GLU B 107 12.74 -33.39 8.27
CA GLU B 107 12.95 -34.65 7.57
C GLU B 107 12.62 -34.49 6.10
N ALA B 108 13.62 -34.71 5.25
CA ALA B 108 13.39 -34.60 3.81
C ALA B 108 12.21 -35.51 3.57
N LEU B 109 11.74 -35.57 2.34
CA LEU B 109 10.63 -36.43 2.05
C LEU B 109 10.68 -36.69 0.58
N ASP B 110 10.15 -37.83 0.17
CA ASP B 110 10.18 -38.12 -1.24
C ASP B 110 9.02 -37.36 -1.79
N ILE B 111 9.30 -36.62 -2.84
CA ILE B 111 8.26 -35.86 -3.47
C ILE B 111 7.93 -36.69 -4.67
N SER B 112 6.75 -37.29 -4.64
CA SER B 112 6.34 -38.09 -5.77
C SER B 112 6.03 -37.08 -6.88
N ARG B 113 4.97 -36.29 -6.63
CA ARG B 113 4.45 -35.26 -7.54
C ARG B 113 4.59 -33.84 -6.93
N GLU B 114 5.03 -32.87 -7.74
CA GLU B 114 5.21 -31.46 -7.32
C GLU B 114 4.21 -30.47 -7.90
N THR B 115 3.28 -29.94 -7.12
CA THR B 115 2.36 -28.96 -7.71
C THR B 115 2.44 -27.55 -7.10
N TYR B 116 1.81 -26.59 -7.80
CA TYR B 116 1.76 -25.22 -7.31
C TYR B 116 0.33 -24.87 -6.87
N LEU B 117 0.18 -24.34 -5.66
CA LEU B 117 -1.13 -23.94 -5.16
C LEU B 117 -0.96 -22.71 -4.30
N ALA B 118 -1.77 -21.68 -4.49
CA ALA B 118 -1.62 -20.47 -3.67
C ALA B 118 -2.96 -19.84 -3.45
N ILE B 119 -3.10 -19.09 -2.37
CA ILE B 119 -4.36 -18.40 -2.15
C ILE B 119 -4.08 -16.94 -1.76
N LEU B 120 -4.83 -16.02 -2.38
CA LEU B 120 -4.74 -14.58 -2.10
C LEU B 120 -6.06 -13.85 -2.41
N MET B 121 -6.06 -12.53 -2.22
CA MET B 121 -7.22 -11.75 -2.56
C MET B 121 -6.82 -11.22 -3.95
N ASP B 122 -7.60 -11.46 -5.00
CA ASP B 122 -7.09 -10.92 -6.23
C ASP B 122 -7.55 -9.52 -6.58
N ARG B 123 -6.55 -8.72 -6.97
CA ARG B 123 -6.76 -7.34 -7.29
C ARG B 123 -7.72 -7.00 -8.45
N SER B 124 -8.23 -8.01 -9.12
CA SER B 124 -9.18 -7.76 -10.19
C SER B 124 -10.45 -8.54 -9.95
N CYS B 125 -10.37 -9.44 -8.99
CA CYS B 125 -11.46 -10.35 -8.69
C CYS B 125 -12.35 -9.94 -7.53
N ASN B 126 -11.76 -9.25 -6.57
CA ASN B 126 -12.47 -8.88 -5.38
C ASN B 126 -12.95 -10.17 -4.79
N GLY B 127 -12.32 -10.59 -3.70
CA GLY B 127 -12.69 -11.85 -3.10
C GLY B 127 -11.55 -12.81 -3.32
N PRO B 128 -11.41 -13.80 -2.43
CA PRO B 128 -10.37 -14.82 -2.47
C PRO B 128 -10.30 -15.47 -3.85
N VAL B 129 -9.21 -16.20 -4.11
CA VAL B 129 -8.94 -16.85 -5.38
C VAL B 129 -7.91 -17.98 -5.17
N LEU B 130 -8.11 -19.16 -5.80
CA LEU B 130 -7.12 -20.24 -5.69
C LEU B 130 -6.31 -20.20 -6.97
N VAL B 131 -4.99 -20.19 -6.90
CA VAL B 131 -4.16 -20.18 -8.09
C VAL B 131 -3.25 -21.40 -7.96
N GLY B 132 -3.41 -22.35 -8.88
CA GLY B 132 -2.63 -23.56 -8.82
C GLY B 132 -2.32 -24.12 -10.18
N SER B 133 -1.13 -24.69 -10.32
CA SER B 133 -0.69 -25.32 -11.56
C SER B 133 -0.20 -26.71 -11.19
N PRO B 134 -0.43 -27.72 -12.05
CA PRO B 134 -0.01 -29.10 -11.81
C PRO B 134 1.47 -29.13 -12.02
N GLN B 135 2.01 -28.01 -12.47
CA GLN B 135 3.44 -27.94 -12.71
C GLN B 135 4.18 -27.20 -11.62
N GLY B 136 4.11 -27.73 -10.40
CA GLY B 136 4.81 -27.09 -9.31
C GLY B 136 6.31 -27.34 -9.43
N GLY B 137 7.05 -26.83 -8.46
CA GLY B 137 8.49 -27.01 -8.43
C GLY B 137 9.21 -25.79 -8.93
N VAL B 138 8.64 -25.14 -9.93
CA VAL B 138 9.27 -23.95 -10.46
C VAL B 138 8.57 -22.65 -10.08
N ASP B 139 9.31 -21.55 -10.25
CA ASP B 139 8.83 -20.22 -9.96
C ASP B 139 7.65 -19.75 -10.81
N ILE B 140 6.46 -19.96 -10.25
CA ILE B 140 5.17 -19.62 -10.85
C ILE B 140 5.20 -18.61 -12.00
N GLU B 141 5.92 -17.52 -11.79
CA GLU B 141 5.99 -16.48 -12.78
C GLU B 141 6.57 -16.95 -14.07
N GLU B 142 7.21 -18.11 -14.05
CA GLU B 142 7.79 -18.65 -15.27
C GLU B 142 6.81 -19.59 -15.96
N VAL B 143 6.10 -20.40 -15.19
CA VAL B 143 5.11 -21.28 -15.77
C VAL B 143 4.20 -20.29 -16.47
N ALA B 144 3.59 -19.40 -15.69
CA ALA B 144 2.70 -18.38 -16.21
C ALA B 144 3.12 -17.85 -17.59
N ALA B 145 4.41 -17.68 -17.78
CA ALA B 145 4.94 -17.19 -19.05
C ALA B 145 5.00 -18.26 -20.15
N SER B 146 5.70 -19.37 -19.88
CA SER B 146 5.85 -20.46 -20.83
C SER B 146 4.62 -21.32 -21.10
N ASN B 147 3.79 -21.50 -20.08
CA ASN B 147 2.61 -22.31 -20.29
C ASN B 147 1.37 -21.86 -19.59
N PRO B 148 0.91 -20.66 -19.95
CA PRO B 148 -0.29 -20.06 -19.38
C PRO B 148 -1.47 -21.03 -19.19
N GLU B 149 -1.51 -22.12 -19.93
CA GLU B 149 -2.66 -23.01 -19.78
C GLU B 149 -2.53 -23.99 -18.62
N LEU B 150 -1.37 -24.01 -17.98
CA LEU B 150 -1.19 -24.88 -16.82
C LEU B 150 -1.53 -24.08 -15.54
N ILE B 151 -2.19 -22.92 -15.68
CA ILE B 151 -2.54 -22.12 -14.53
C ILE B 151 -4.04 -21.98 -14.36
N PHE B 152 -4.57 -22.71 -13.38
CA PHE B 152 -5.99 -22.70 -13.13
C PHE B 152 -6.32 -21.81 -11.97
N LYS B 153 -7.52 -21.24 -11.98
CA LYS B 153 -8.00 -20.35 -10.94
C LYS B 153 -9.41 -20.68 -10.54
N GLU B 154 -9.75 -20.41 -9.29
CA GLU B 154 -11.08 -20.70 -8.78
C GLU B 154 -11.44 -19.56 -7.87
N GLN B 155 -12.29 -18.67 -8.36
CA GLN B 155 -12.69 -17.55 -7.53
C GLN B 155 -13.52 -18.13 -6.43
N ILE B 156 -13.36 -17.61 -5.23
CA ILE B 156 -14.10 -18.07 -4.06
C ILE B 156 -15.00 -16.94 -3.52
N ASP B 157 -16.14 -17.31 -2.95
CA ASP B 157 -17.04 -16.32 -2.42
C ASP B 157 -16.91 -16.04 -0.93
N ILE B 158 -16.25 -14.94 -0.63
CA ILE B 158 -16.02 -14.55 0.75
C ILE B 158 -17.22 -14.71 1.72
N ILE B 159 -18.46 -14.60 1.24
CA ILE B 159 -19.59 -14.76 2.17
C ILE B 159 -19.91 -16.23 2.23
N GLU B 160 -20.05 -16.83 1.04
CA GLU B 160 -20.39 -18.23 0.90
C GLU B 160 -19.40 -19.13 1.63
N GLY B 161 -18.17 -19.16 1.13
CA GLY B 161 -17.13 -20.00 1.70
C GLY B 161 -16.66 -20.82 0.52
N ILE B 162 -15.53 -21.51 0.66
CA ILE B 162 -15.04 -22.36 -0.44
C ILE B 162 -15.98 -23.55 -0.69
N LYS B 163 -16.26 -23.86 -1.95
CA LYS B 163 -17.14 -24.97 -2.19
C LYS B 163 -16.40 -26.27 -2.49
N ASP B 164 -16.91 -27.34 -1.87
CA ASP B 164 -16.44 -28.69 -2.04
C ASP B 164 -16.11 -28.98 -3.49
N SER B 165 -17.00 -28.54 -4.38
CA SER B 165 -16.79 -28.80 -5.80
C SER B 165 -15.56 -28.09 -6.37
N GLN B 166 -15.27 -26.93 -5.80
CA GLN B 166 -14.15 -26.12 -6.23
C GLN B 166 -12.83 -26.81 -5.84
N ALA B 167 -12.74 -27.22 -4.59
CA ALA B 167 -11.58 -27.95 -4.07
C ALA B 167 -11.35 -29.22 -4.91
N GLN B 168 -12.45 -29.87 -5.30
CA GLN B 168 -12.36 -31.07 -6.12
C GLN B 168 -11.90 -30.67 -7.52
N ARG B 169 -12.49 -29.58 -8.01
CA ARG B 169 -12.18 -29.09 -9.35
C ARG B 169 -10.71 -28.76 -9.43
N MET B 170 -10.19 -28.12 -8.38
CA MET B 170 -8.77 -27.76 -8.33
C MET B 170 -7.92 -29.02 -8.16
N ALA B 171 -8.12 -29.72 -7.05
CA ALA B 171 -7.38 -30.97 -6.77
C ALA B 171 -7.21 -31.65 -8.12
N GLU B 172 -8.33 -31.82 -8.81
CA GLU B 172 -8.30 -32.46 -10.11
C GLU B 172 -7.28 -31.84 -11.08
N ASN B 173 -7.44 -30.55 -11.37
CA ASN B 173 -6.52 -29.83 -12.26
C ASN B 173 -5.05 -29.90 -11.81
N LEU B 174 -4.85 -30.05 -10.51
CA LEU B 174 -3.51 -30.13 -9.95
C LEU B 174 -2.79 -31.46 -10.18
N GLY B 175 -3.51 -32.47 -10.65
CA GLY B 175 -2.88 -33.75 -10.91
C GLY B 175 -3.20 -34.93 -9.99
N PHE B 176 -3.93 -34.69 -8.91
CA PHE B 176 -4.28 -35.76 -7.97
C PHE B 176 -5.30 -36.79 -8.51
N LEU B 177 -4.87 -38.04 -8.57
CA LEU B 177 -5.70 -39.12 -9.08
C LEU B 177 -6.58 -39.74 -8.00
N GLY B 178 -7.76 -40.16 -8.45
CA GLY B 178 -8.75 -40.78 -7.60
C GLY B 178 -8.76 -40.59 -6.10
N PRO B 179 -8.23 -41.57 -5.35
CA PRO B 179 -8.19 -41.52 -3.87
C PRO B 179 -7.60 -40.23 -3.37
N LEU B 180 -6.31 -40.05 -3.66
CA LEU B 180 -5.56 -38.86 -3.27
C LEU B 180 -6.39 -37.57 -3.36
N GLN B 181 -7.19 -37.48 -4.41
CA GLN B 181 -8.03 -36.32 -4.66
C GLN B 181 -8.81 -35.79 -3.45
N ASN B 182 -9.64 -36.61 -2.85
CA ASN B 182 -10.42 -36.11 -1.71
C ASN B 182 -9.55 -35.64 -0.54
N GLN B 183 -8.29 -36.09 -0.47
CA GLN B 183 -7.38 -35.69 0.60
C GLN B 183 -6.70 -34.36 0.21
N ALA B 184 -6.43 -34.21 -1.08
CA ALA B 184 -5.83 -32.99 -1.60
C ALA B 184 -6.79 -31.88 -1.27
N ALA B 185 -7.98 -32.00 -1.84
CA ALA B 185 -9.05 -31.06 -1.64
C ALA B 185 -9.30 -30.69 -0.19
N ASP B 186 -9.24 -31.64 0.73
CA ASP B 186 -9.50 -31.24 2.11
C ASP B 186 -8.38 -30.38 2.67
N GLN B 187 -7.16 -30.59 2.17
CA GLN B 187 -5.99 -29.78 2.57
C GLN B 187 -6.23 -28.36 2.02
N ILE B 188 -6.63 -28.28 0.76
CA ILE B 188 -6.97 -27.01 0.13
C ILE B 188 -7.97 -26.28 1.04
N LYS B 189 -9.08 -26.94 1.37
CA LYS B 189 -10.08 -26.34 2.23
C LYS B 189 -9.47 -25.88 3.52
N LYS B 190 -8.54 -26.66 4.06
CA LYS B 190 -7.96 -26.29 5.33
C LYS B 190 -7.04 -25.08 5.17
N LEU B 191 -6.37 -24.96 4.04
CA LEU B 191 -5.52 -23.81 3.80
C LEU B 191 -6.39 -22.54 3.65
N TYR B 192 -7.35 -22.60 2.74
CA TYR B 192 -8.24 -21.46 2.55
C TYR B 192 -8.74 -20.91 3.89
N ASN B 193 -9.19 -21.77 4.79
CA ASN B 193 -9.68 -21.30 6.10
C ASN B 193 -8.57 -20.73 6.96
N LEU B 194 -7.39 -21.30 6.83
CA LEU B 194 -6.19 -20.87 7.57
C LEU B 194 -5.96 -19.44 7.16
N PHE B 195 -5.96 -19.26 5.83
CA PHE B 195 -5.81 -18.00 5.11
C PHE B 195 -6.76 -16.92 5.61
N LEU B 196 -8.04 -17.22 5.66
CA LEU B 196 -8.97 -16.22 6.14
C LEU B 196 -8.81 -16.06 7.62
N LYS B 197 -8.44 -17.13 8.31
CA LYS B 197 -8.33 -17.05 9.76
C LYS B 197 -7.20 -16.15 10.17
N ILE B 198 -6.09 -16.22 9.47
CA ILE B 198 -4.96 -15.40 9.84
C ILE B 198 -4.76 -14.01 9.22
N ASP B 199 -5.64 -13.59 8.33
CA ASP B 199 -5.53 -12.27 7.70
C ASP B 199 -4.27 -12.19 6.86
N ALA B 200 -4.12 -13.20 6.04
CA ALA B 200 -3.01 -13.29 5.17
C ALA B 200 -3.32 -12.55 3.88
N THR B 201 -2.35 -11.85 3.30
CA THR B 201 -2.68 -11.31 2.01
C THR B 201 -2.39 -12.45 1.09
N GLN B 202 -1.57 -13.40 1.52
CA GLN B 202 -1.22 -14.53 0.68
C GLN B 202 -0.70 -15.75 1.44
N VAL B 203 -1.14 -16.93 1.03
CA VAL B 203 -0.63 -18.18 1.55
C VAL B 203 -0.17 -18.90 0.28
N GLU B 204 1.15 -19.06 0.08
CA GLU B 204 1.68 -19.72 -1.14
C GLU B 204 2.36 -21.07 -0.77
N VAL B 205 2.03 -22.15 -1.50
CA VAL B 205 2.61 -23.45 -1.23
C VAL B 205 3.32 -23.91 -2.46
N ASN B 206 4.62 -24.15 -2.36
CA ASN B 206 5.39 -24.56 -3.52
C ASN B 206 6.69 -25.24 -3.10
N PRO B 207 6.78 -26.57 -3.26
CA PRO B 207 5.76 -27.48 -3.80
C PRO B 207 4.67 -28.00 -2.89
N PHE B 208 3.50 -28.20 -3.46
CA PHE B 208 2.37 -28.79 -2.75
C PHE B 208 2.38 -30.19 -3.40
N GLY B 209 2.40 -31.26 -2.60
CA GLY B 209 2.43 -32.57 -3.22
C GLY B 209 2.11 -33.89 -2.55
N GLU B 210 2.62 -34.94 -3.17
CA GLU B 210 2.41 -36.28 -2.66
C GLU B 210 3.66 -37.08 -2.52
N THR B 211 3.71 -37.85 -1.41
CA THR B 211 4.81 -38.74 -1.05
C THR B 211 4.55 -40.12 -1.68
N PRO B 212 5.58 -40.96 -1.78
CA PRO B 212 5.22 -42.24 -2.39
C PRO B 212 4.27 -42.99 -1.42
N GLU B 213 4.41 -42.72 -0.12
CA GLU B 213 3.60 -43.33 0.92
C GLU B 213 2.14 -42.92 0.99
N GLY B 214 1.67 -42.13 0.01
CA GLY B 214 0.26 -41.69 -0.05
C GLY B 214 -0.24 -40.43 0.67
N GLN B 215 0.66 -39.52 1.07
CA GLN B 215 0.23 -38.31 1.77
C GLN B 215 0.26 -37.03 0.92
N VAL B 216 -0.61 -36.09 1.25
CA VAL B 216 -0.66 -34.80 0.56
C VAL B 216 0.05 -33.82 1.50
N VAL B 217 1.23 -33.35 1.07
CA VAL B 217 2.09 -32.45 1.86
C VAL B 217 2.48 -31.10 1.24
N CYS B 218 2.49 -30.06 2.07
CA CYS B 218 2.94 -28.73 1.69
C CYS B 218 4.37 -28.78 2.19
N PHE B 219 5.29 -29.06 1.28
CA PHE B 219 6.70 -29.16 1.64
C PHE B 219 7.32 -27.78 1.81
N ASP B 220 6.81 -26.83 1.06
CA ASP B 220 7.29 -25.46 1.17
C ASP B 220 6.10 -24.49 1.08
N ALA B 221 6.25 -23.37 1.75
CA ALA B 221 5.19 -22.41 1.70
C ALA B 221 5.58 -21.05 2.27
N LYS B 222 5.15 -20.00 1.57
CA LYS B 222 5.40 -18.62 1.96
C LYS B 222 4.04 -18.03 2.40
N ILE B 223 4.05 -17.18 3.41
CA ILE B 223 2.82 -16.55 3.91
C ILE B 223 3.00 -15.06 4.20
N ASN B 224 2.21 -14.21 3.57
CA ASN B 224 2.30 -12.77 3.81
C ASN B 224 1.09 -12.34 4.65
N PHE B 225 1.33 -11.64 5.75
CA PHE B 225 0.26 -11.19 6.63
C PHE B 225 -0.06 -9.74 6.40
N ASP B 226 -1.35 -9.43 6.44
CA ASP B 226 -1.83 -8.05 6.30
C ASP B 226 -1.49 -7.20 7.53
N ASP B 227 -0.51 -6.32 7.39
CA ASP B 227 -0.10 -5.47 8.50
C ASP B 227 -1.25 -4.69 9.16
N ASN B 228 -2.39 -4.51 8.48
CA ASN B 228 -3.47 -3.74 9.10
C ASN B 228 -4.27 -4.48 10.13
N ALA B 229 -4.30 -5.81 9.98
CA ALA B 229 -5.01 -6.74 10.87
C ALA B 229 -4.23 -7.10 12.11
N GLU B 230 -3.05 -6.52 12.29
CA GLU B 230 -2.25 -6.81 13.48
C GLU B 230 -3.08 -6.68 14.78
N PHE B 231 -3.78 -5.55 14.97
CA PHE B 231 -4.60 -5.32 16.19
C PHE B 231 -5.56 -6.50 16.48
N ARG B 232 -5.71 -7.43 15.55
CA ARG B 232 -6.55 -8.58 15.83
C ARG B 232 -5.80 -9.90 15.54
N GLN B 233 -4.46 -9.85 15.59
CA GLN B 233 -3.64 -11.02 15.32
C GLN B 233 -2.39 -10.91 16.18
N LYS B 234 -2.60 -10.50 17.45
CA LYS B 234 -1.50 -10.29 18.41
C LYS B 234 -0.59 -11.53 18.62
N ASP B 235 -1.21 -12.71 18.61
CA ASP B 235 -0.47 -13.97 18.76
C ASP B 235 0.48 -14.07 17.59
N ILE B 236 -0.08 -13.98 16.38
CA ILE B 236 0.81 -14.07 15.24
C ILE B 236 1.86 -12.96 15.27
N PHE B 237 1.48 -11.70 15.36
CA PHE B 237 2.56 -10.71 15.35
C PHE B 237 3.51 -10.81 16.50
N ALA B 238 3.10 -11.47 17.58
CA ALA B 238 4.03 -11.63 18.70
C ALA B 238 5.31 -12.35 18.19
N MET B 239 5.10 -13.32 17.30
CA MET B 239 6.22 -14.07 16.74
C MET B 239 7.12 -13.25 15.81
N ASP B 240 6.67 -12.07 15.38
CA ASP B 240 7.49 -11.27 14.46
C ASP B 240 8.65 -10.71 15.17
N ASP B 241 9.80 -11.30 14.86
CA ASP B 241 11.11 -10.98 15.40
C ASP B 241 11.62 -9.52 15.32
N LYS B 242 11.52 -8.94 14.12
CA LYS B 242 11.99 -7.58 13.88
C LYS B 242 13.52 -7.59 13.91
N SER B 243 14.07 -8.77 14.13
CA SER B 243 15.53 -8.96 14.17
C SER B 243 16.11 -8.63 12.81
N GLU B 244 15.38 -9.07 11.78
CA GLU B 244 15.77 -8.88 10.41
C GLU B 244 15.51 -7.51 9.80
N ASN B 245 14.58 -6.76 10.38
CA ASN B 245 14.27 -5.45 9.83
C ASN B 245 15.51 -4.57 9.90
N GLU B 246 15.66 -3.70 8.90
CA GLU B 246 16.76 -2.76 8.83
C GLU B 246 16.61 -1.81 10.03
N PRO B 247 17.70 -1.44 10.67
CA PRO B 247 17.76 -0.56 11.84
C PRO B 247 16.99 0.79 11.79
N ILE B 248 17.37 1.65 10.86
CA ILE B 248 16.73 2.95 10.70
C ILE B 248 15.25 2.72 10.49
N GLU B 249 14.92 1.72 9.70
CA GLU B 249 13.54 1.38 9.43
C GLU B 249 12.80 1.13 10.75
N ASN B 250 13.45 0.38 11.64
CA ASN B 250 12.88 0.03 12.94
C ASN B 250 12.62 1.22 13.83
N GLU B 251 13.60 2.09 13.89
CA GLU B 251 13.55 3.28 14.71
C GLU B 251 12.40 4.15 14.26
N ALA B 252 12.43 4.42 12.95
CA ALA B 252 11.44 5.26 12.29
C ALA B 252 10.01 4.85 12.61
N ALA B 253 9.76 3.57 12.76
CA ALA B 253 8.38 3.15 13.03
C ALA B 253 7.89 3.56 14.42
N LYS B 254 8.82 3.66 15.37
CA LYS B 254 8.43 4.03 16.73
C LYS B 254 7.63 5.34 16.74
N TYR B 255 7.92 6.21 15.78
CA TYR B 255 7.31 7.53 15.65
C TYR B 255 6.30 7.69 14.49
N ASP B 256 5.58 6.61 14.20
CA ASP B 256 4.62 6.55 13.12
C ASP B 256 5.21 6.90 11.74
N LEU B 257 6.52 7.17 11.70
CA LEU B 257 7.25 7.46 10.45
C LEU B 257 7.46 6.17 9.62
N LYS B 258 7.50 6.31 8.29
CA LYS B 258 7.69 5.18 7.42
C LYS B 258 8.86 5.39 6.51
N TYR B 259 9.96 4.74 6.86
CA TYR B 259 11.25 4.85 6.15
C TYR B 259 11.66 3.61 5.29
N ILE B 260 12.37 3.86 4.19
CA ILE B 260 12.83 2.81 3.30
C ILE B 260 14.06 3.29 2.58
N GLY B 261 15.16 2.58 2.78
CA GLY B 261 16.42 2.97 2.18
C GLY B 261 16.69 2.63 0.75
N LEU B 262 17.35 3.55 0.06
CA LEU B 262 17.75 3.34 -1.31
C LEU B 262 19.29 3.47 -1.30
N ASP B 263 19.96 3.24 -2.41
CA ASP B 263 21.41 3.34 -2.31
C ASP B 263 22.07 4.69 -2.63
N GLY B 264 21.37 5.79 -2.40
CA GLY B 264 21.94 7.07 -2.74
C GLY B 264 22.45 7.90 -1.59
N ASN B 265 22.85 9.14 -1.93
CA ASN B 265 23.43 10.09 -1.00
C ASN B 265 22.61 11.35 -0.77
N ILE B 266 21.40 11.39 -1.29
CA ILE B 266 20.56 12.55 -1.12
C ILE B 266 19.34 12.08 -0.40
N ALA B 267 19.29 12.26 0.90
CA ALA B 267 18.11 11.84 1.64
C ALA B 267 16.96 12.81 1.36
N CYS B 268 15.78 12.45 1.82
CA CYS B 268 14.66 13.36 1.70
C CYS B 268 13.55 12.95 2.69
N PHE B 269 12.55 13.79 2.86
CA PHE B 269 11.50 13.44 3.78
C PHE B 269 10.30 14.34 3.44
N VAL B 270 9.16 13.70 3.30
CA VAL B 270 7.96 14.33 2.79
C VAL B 270 6.77 13.95 3.63
N ASN B 271 5.65 14.66 3.51
CA ASN B 271 4.43 14.28 4.23
C ASN B 271 3.39 13.75 3.19
N GLY B 272 3.13 12.43 3.25
CA GLY B 272 2.21 11.78 2.34
C GLY B 272 3.03 10.81 1.54
N ALA B 273 2.53 9.60 1.31
CA ALA B 273 3.31 8.57 0.59
C ALA B 273 3.48 8.86 -0.90
N GLY B 274 2.37 9.27 -1.52
CA GLY B 274 2.40 9.56 -2.93
C GLY B 274 3.50 10.57 -3.18
N LEU B 275 3.49 11.67 -2.41
CA LEU B 275 4.46 12.72 -2.60
C LEU B 275 5.86 12.31 -2.21
N ALA B 276 6.00 11.33 -1.33
CA ALA B 276 7.33 10.86 -0.97
C ALA B 276 7.85 10.02 -2.14
N MET B 277 7.00 9.23 -2.76
CA MET B 277 7.49 8.54 -3.93
C MET B 277 7.87 9.62 -4.99
N ALA B 278 6.94 10.48 -5.37
CA ALA B 278 7.27 11.51 -6.36
C ALA B 278 8.57 12.24 -6.01
N THR B 279 8.84 12.47 -4.73
CA THR B 279 10.09 13.18 -4.38
C THR B 279 11.33 12.36 -4.77
N CYS B 280 11.39 11.09 -4.40
CA CYS B 280 12.51 10.22 -4.81
C CYS B 280 12.65 10.24 -6.31
N ASP B 281 11.52 10.24 -7.01
CA ASP B 281 11.54 10.23 -8.46
C ASP B 281 12.09 11.54 -9.03
N ILE B 282 11.54 12.68 -8.63
CA ILE B 282 12.08 13.89 -9.22
C ILE B 282 13.59 14.00 -8.98
N ILE B 283 14.07 13.68 -7.76
CA ILE B 283 15.51 13.76 -7.54
C ILE B 283 16.23 12.99 -8.64
N PHE B 284 15.93 11.71 -8.79
CA PHE B 284 16.57 10.86 -9.80
C PHE B 284 16.45 11.36 -11.23
N LEU B 285 15.27 11.88 -11.57
CA LEU B 285 15.01 12.41 -12.90
C LEU B 285 16.04 13.46 -13.23
N ASN B 286 16.41 14.23 -12.20
CA ASN B 286 17.37 15.32 -12.30
C ASN B 286 18.80 14.91 -12.06
N GLY B 287 19.07 13.61 -12.01
CA GLY B 287 20.44 13.16 -11.84
C GLY B 287 20.89 12.76 -10.45
N GLY B 288 20.01 12.86 -9.48
CA GLY B 288 20.41 12.48 -8.15
C GLY B 288 20.29 11.01 -7.88
N LYS B 289 20.56 10.64 -6.63
CA LYS B 289 20.47 9.27 -6.16
C LYS B 289 19.83 9.37 -4.78
N PRO B 290 18.47 9.32 -4.74
CA PRO B 290 17.77 9.40 -3.46
C PRO B 290 18.35 8.40 -2.48
N ALA B 291 18.54 8.87 -1.27
CA ALA B 291 19.10 8.07 -0.19
C ALA B 291 18.07 7.20 0.49
N ASN B 292 16.81 7.66 0.54
CA ASN B 292 15.77 6.90 1.17
C ASN B 292 14.48 7.45 0.71
N PHE B 293 13.40 6.99 1.34
CA PHE B 293 12.03 7.42 1.13
C PHE B 293 11.53 7.60 2.55
N LEU B 294 10.98 8.74 2.93
CA LEU B 294 10.46 8.84 4.28
C LEU B 294 9.09 9.45 4.26
N ASP B 295 8.11 8.81 4.86
CA ASP B 295 6.79 9.40 4.87
C ASP B 295 6.39 9.69 6.30
N LEU B 296 6.03 10.94 6.62
CA LEU B 296 5.64 11.30 7.98
C LEU B 296 4.16 11.21 8.15
N GLY B 297 3.49 10.90 7.06
CA GLY B 297 2.04 10.82 7.08
C GLY B 297 1.50 12.23 6.89
N GLY B 298 0.39 12.53 7.57
CA GLY B 298 -0.18 13.87 7.51
C GLY B 298 0.06 14.50 8.88
N GLY B 299 0.88 13.78 9.67
CA GLY B 299 1.24 14.17 11.02
C GLY B 299 2.52 14.98 11.19
N VAL B 300 2.47 16.23 10.76
CA VAL B 300 3.61 17.12 10.96
C VAL B 300 3.43 17.46 12.44
N LYS B 301 4.55 17.61 13.14
CA LYS B 301 4.53 17.91 14.58
C LYS B 301 5.99 18.09 14.92
N GLU B 302 6.34 19.26 15.46
CA GLU B 302 7.72 19.59 15.81
C GLU B 302 8.50 18.35 16.28
N SER B 303 7.84 17.47 17.06
CA SER B 303 8.50 16.25 17.56
C SER B 303 9.15 15.42 16.46
N GLN B 304 8.34 15.13 15.44
CA GLN B 304 8.73 14.29 14.27
C GLN B 304 9.77 14.92 13.34
N VAL B 305 9.59 16.18 13.00
CA VAL B 305 10.57 16.78 12.14
C VAL B 305 11.89 16.46 12.81
N TYR B 306 11.87 16.37 14.15
CA TYR B 306 13.09 16.09 14.90
C TYR B 306 13.55 14.66 14.78
N GLN B 307 12.65 13.71 15.01
CA GLN B 307 13.04 12.30 14.91
C GLN B 307 13.40 11.99 13.46
N ALA B 308 12.65 12.60 12.55
CA ALA B 308 12.83 12.47 11.10
C ALA B 308 14.22 12.89 10.70
N PHE B 309 14.68 13.98 11.28
CA PHE B 309 16.01 14.43 10.95
C PHE B 309 16.94 13.52 11.70
N LYS B 310 16.61 13.26 12.95
CA LYS B 310 17.45 12.38 13.76
C LYS B 310 17.87 11.17 12.95
N LEU B 311 16.86 10.48 12.41
CA LEU B 311 17.08 9.29 11.60
C LEU B 311 18.05 9.56 10.48
N LEU B 312 17.74 10.53 9.65
CA LEU B 312 18.61 10.80 8.52
C LEU B 312 20.07 10.86 8.94
N THR B 313 20.29 11.36 10.16
CA THR B 313 21.63 11.48 10.78
C THR B 313 22.39 10.16 10.71
N ALA B 314 21.66 9.07 11.00
CA ALA B 314 22.18 7.69 10.97
C ALA B 314 22.95 7.43 9.65
N ASP B 315 22.26 7.01 8.59
CA ASP B 315 22.87 6.74 7.28
C ASP B 315 23.97 7.73 6.91
N PRO B 316 25.23 7.36 7.16
CA PRO B 316 26.39 8.19 6.87
C PRO B 316 26.80 8.05 5.41
N LYS B 317 25.80 7.80 4.57
CA LYS B 317 26.01 7.70 3.13
C LYS B 317 25.40 9.00 2.58
N VAL B 318 24.65 9.67 3.45
CA VAL B 318 23.95 10.89 3.09
C VAL B 318 24.82 12.13 2.94
N GLU B 319 24.69 12.81 1.82
CA GLU B 319 25.47 14.02 1.62
C GLU B 319 24.60 15.24 1.56
N ALA B 320 23.28 15.06 1.45
CA ALA B 320 22.36 16.19 1.39
C ALA B 320 20.96 15.80 1.79
N ILE B 321 20.10 16.79 1.94
CA ILE B 321 18.73 16.51 2.32
C ILE B 321 17.70 17.41 1.63
N LEU B 322 16.56 16.85 1.21
CA LEU B 322 15.55 17.67 0.56
C LEU B 322 14.33 17.45 1.41
N VAL B 323 13.70 18.52 1.88
CA VAL B 323 12.48 18.40 2.67
C VAL B 323 11.29 18.91 1.85
N ASN B 324 10.38 18.02 1.51
CA ASN B 324 9.25 18.45 0.74
C ASN B 324 8.06 18.33 1.65
N ILE B 325 7.51 19.46 2.06
CA ILE B 325 6.36 19.38 2.90
C ILE B 325 5.36 20.30 2.33
N PHE B 326 4.16 19.76 2.11
CA PHE B 326 3.03 20.52 1.64
C PHE B 326 2.15 20.71 2.86
N GLY B 327 2.13 21.95 3.34
CA GLY B 327 1.40 22.32 4.54
C GLY B 327 -0.11 22.18 4.68
N GLY B 328 -0.88 22.83 3.82
CA GLY B 328 -2.33 22.79 3.90
C GLY B 328 -2.90 23.06 5.29
N ILE B 329 -2.90 22.00 6.12
CA ILE B 329 -3.39 22.02 7.52
C ILE B 329 -2.39 22.61 8.55
N VAL B 330 -1.95 23.87 8.35
CA VAL B 330 -1.05 24.56 9.29
C VAL B 330 -0.13 25.62 8.65
N ASN B 331 0.24 26.60 9.46
CA ASN B 331 1.09 27.69 9.00
C ASN B 331 2.54 27.30 8.72
N CYS B 332 2.98 27.46 7.48
CA CYS B 332 4.36 27.12 7.11
C CYS B 332 5.51 27.77 7.86
N ALA B 333 5.27 28.75 8.71
CA ALA B 333 6.40 29.33 9.42
C ALA B 333 6.65 28.45 10.68
N ILE B 334 5.57 27.94 11.26
CA ILE B 334 5.64 27.05 12.41
C ILE B 334 6.51 25.82 12.03
N ILE B 335 6.35 25.36 10.80
CA ILE B 335 7.08 24.22 10.28
C ILE B 335 8.54 24.62 10.04
N ALA B 336 8.74 25.84 9.54
CA ALA B 336 10.11 26.33 9.24
C ALA B 336 10.87 26.43 10.52
N ASN B 337 10.20 26.98 11.54
CA ASN B 337 10.75 27.16 12.89
C ASN B 337 11.20 25.84 13.49
N GLY B 338 10.28 24.87 13.49
CA GLY B 338 10.54 23.54 14.02
C GLY B 338 11.63 22.85 13.23
N ILE B 339 11.78 23.27 11.99
CA ILE B 339 12.80 22.66 11.18
C ILE B 339 14.11 23.11 11.70
N THR B 340 14.24 24.42 11.88
CA THR B 340 15.46 25.05 12.38
C THR B 340 15.76 24.75 13.82
N LYS B 341 14.72 24.68 14.66
CA LYS B 341 14.87 24.35 16.07
C LYS B 341 15.56 23.01 16.12
N ALA B 342 14.97 22.06 15.39
CA ALA B 342 15.46 20.69 15.29
C ALA B 342 16.83 20.63 14.66
N CYS B 343 17.15 21.59 13.79
CA CYS B 343 18.42 21.59 13.09
C CYS B 343 19.66 22.01 13.86
N ARG B 344 19.59 23.16 14.55
CA ARG B 344 20.72 23.63 15.37
C ARG B 344 20.78 22.55 16.45
N GLU B 345 19.63 22.34 17.08
CA GLU B 345 19.45 21.37 18.16
C GLU B 345 19.91 19.98 17.80
N LEU B 346 20.30 19.78 16.56
CA LEU B 346 20.79 18.49 16.11
C LEU B 346 22.10 18.72 15.39
N GLU B 347 22.74 19.84 15.72
CA GLU B 347 24.07 20.21 15.22
C GLU B 347 24.43 19.65 13.85
N LEU B 348 23.58 19.89 12.86
CA LEU B 348 23.78 19.37 11.52
C LEU B 348 24.94 19.94 10.71
N LYS B 349 25.48 19.10 9.84
CA LYS B 349 26.60 19.51 9.01
C LYS B 349 26.53 18.98 7.59
N VAL B 350 25.31 18.96 7.04
CA VAL B 350 25.04 18.52 5.64
C VAL B 350 24.09 19.54 4.98
N PRO B 351 24.32 19.90 3.70
CA PRO B 351 23.44 20.88 3.06
C PRO B 351 21.95 20.50 3.02
N LEU B 352 21.13 21.38 3.59
CA LEU B 352 19.70 21.19 3.60
C LEU B 352 19.01 22.08 2.53
N VAL B 353 17.98 21.51 1.88
CA VAL B 353 17.18 22.17 0.84
C VAL B 353 15.71 21.96 1.17
N VAL B 354 15.05 23.02 1.58
CA VAL B 354 13.66 22.90 1.95
C VAL B 354 12.70 23.54 0.98
N ARG B 355 11.58 22.85 0.76
CA ARG B 355 10.53 23.36 -0.08
C ARG B 355 9.26 23.19 0.75
N LEU B 356 8.76 24.31 1.26
CA LEU B 356 7.55 24.34 2.05
C LEU B 356 6.49 24.95 1.17
N GLU B 357 5.27 24.52 1.34
CA GLU B 357 4.20 25.04 0.54
C GLU B 357 2.89 24.95 1.28
N GLY B 358 2.11 26.02 1.25
CA GLY B 358 0.84 26.00 1.95
C GLY B 358 0.26 27.33 2.36
N THR B 359 0.62 27.76 3.58
CA THR B 359 0.16 29.01 4.20
C THR B 359 1.26 29.83 4.78
N ASN B 360 1.30 31.11 4.44
CA ASN B 360 2.34 31.97 4.97
C ASN B 360 3.70 31.42 4.58
N VAL B 361 3.86 31.16 3.30
CA VAL B 361 5.12 30.61 2.80
C VAL B 361 6.28 31.58 2.75
N HIS B 362 5.99 32.86 2.54
CA HIS B 362 7.04 33.88 2.42
C HIS B 362 7.87 34.09 3.70
N GLU B 363 7.20 34.28 4.84
CA GLU B 363 7.95 34.47 6.09
C GLU B 363 8.65 33.18 6.48
N ALA B 364 7.98 32.07 6.17
CA ALA B 364 8.48 30.75 6.44
C ALA B 364 9.82 30.60 5.71
N GLN B 365 9.91 31.13 4.51
CA GLN B 365 11.16 31.00 3.77
C GLN B 365 12.20 31.93 4.33
N ASN B 366 11.74 33.04 4.88
CA ASN B 366 12.63 34.02 5.50
C ASN B 366 13.40 33.36 6.65
N ILE B 367 12.66 32.66 7.50
CA ILE B 367 13.25 31.95 8.62
C ILE B 367 14.35 30.98 8.18
N LEU B 368 14.09 30.22 7.11
CA LEU B 368 15.05 29.23 6.59
C LEU B 368 16.32 29.82 6.01
N THR B 369 16.18 30.99 5.41
CA THR B 369 17.33 31.64 4.80
C THR B 369 18.03 32.56 5.82
N ASN B 370 17.26 33.01 6.81
CA ASN B 370 17.73 33.89 7.90
C ASN B 370 17.80 33.05 9.20
N SER B 371 18.59 31.98 9.13
CA SER B 371 18.76 31.03 10.24
C SER B 371 20.23 30.85 10.60
N GLY B 372 21.11 31.20 9.67
CA GLY B 372 22.54 31.04 9.89
C GLY B 372 22.92 29.62 9.51
N LEU B 373 21.94 28.72 9.61
CA LEU B 373 22.13 27.31 9.27
C LEU B 373 22.45 27.08 7.80
N PRO B 374 22.98 25.90 7.46
CA PRO B 374 23.32 25.61 6.06
C PRO B 374 22.04 25.05 5.37
N ILE B 375 21.02 25.91 5.37
CA ILE B 375 19.71 25.65 4.79
C ILE B 375 19.57 26.46 3.46
N THR B 376 18.63 26.06 2.60
CA THR B 376 18.36 26.72 1.31
C THR B 376 16.86 26.55 1.00
N SER B 377 16.13 27.64 0.86
CA SER B 377 14.71 27.55 0.55
C SER B 377 14.55 27.26 -0.93
N ALA B 378 13.54 26.50 -1.32
CA ALA B 378 13.33 26.18 -2.74
C ALA B 378 11.94 26.60 -3.13
N VAL B 379 11.88 27.09 -4.37
CA VAL B 379 10.66 27.59 -4.96
C VAL B 379 9.60 26.50 -5.22
N ASP B 380 10.00 25.40 -5.81
CA ASP B 380 9.01 24.36 -6.07
C ASP B 380 9.75 23.05 -6.06
N LEU B 381 9.00 21.97 -6.25
CA LEU B 381 9.60 20.66 -6.23
C LEU B 381 10.71 20.45 -7.24
N GLU B 382 10.63 21.10 -8.42
CA GLU B 382 11.69 20.95 -9.41
C GLU B 382 12.95 21.73 -9.00
N ASP B 383 12.74 22.93 -8.46
CA ASP B 383 13.81 23.79 -8.00
C ASP B 383 14.50 23.02 -6.86
N ALA B 384 13.69 22.52 -5.93
CA ALA B 384 14.16 21.73 -4.80
C ALA B 384 15.10 20.62 -5.28
N ALA B 385 14.61 19.76 -6.16
CA ALA B 385 15.43 18.67 -6.72
C ALA B 385 16.76 19.11 -7.41
N LYS B 386 16.67 20.09 -8.32
CA LYS B 386 17.85 20.62 -9.04
C LYS B 386 18.95 21.03 -8.07
N LYS B 387 18.55 21.75 -7.03
CA LYS B 387 19.49 22.19 -6.01
C LYS B 387 20.11 21.03 -5.27
N ALA B 388 19.32 20.35 -4.45
CA ALA B 388 19.82 19.19 -3.73
C ALA B 388 20.88 18.52 -4.57
N VAL B 389 20.55 18.25 -5.83
CA VAL B 389 21.50 17.61 -6.73
C VAL B 389 22.80 18.38 -6.86
N ALA B 390 22.72 19.67 -7.21
CA ALA B 390 23.88 20.56 -7.36
C ALA B 390 24.72 20.50 -6.10
N SER B 391 24.00 20.62 -4.99
CA SER B 391 24.52 20.57 -3.65
C SER B 391 25.47 19.38 -3.37
N VAL B 392 25.68 18.44 -4.30
CA VAL B 392 26.59 17.33 -3.96
C VAL B 392 27.40 16.78 -5.11
N THR B 393 27.98 17.66 -5.90
CA THR B 393 28.78 17.23 -7.06
C THR B 393 30.34 17.47 -7.08
S SO4 C . 6.92 -3.82 4.45
O1 SO4 C . 6.87 -5.29 4.67
O2 SO4 C . 7.54 -3.52 3.14
O3 SO4 C . 5.52 -3.32 4.56
O4 SO4 C . 7.75 -3.15 5.47
S SO4 D . 13.61 -20.26 -0.71
O1 SO4 D . 13.01 -21.59 -0.53
O2 SO4 D . 14.49 -20.32 -1.90
O3 SO4 D . 12.57 -19.23 -0.86
O4 SO4 D . 14.43 -19.89 0.47
#